data_8ZOR
#
_entry.id   8ZOR
#
_cell.length_a   1.00
_cell.length_b   1.00
_cell.length_c   1.00
_cell.angle_alpha   90.00
_cell.angle_beta   90.00
_cell.angle_gamma   90.00
#
_symmetry.space_group_name_H-M   'P 1'
#
loop_
_entity.id
_entity.type
_entity.pdbx_description
1 polymer 'Slr1512 protein'
2 polymer 'Membrane-associated protein slr1513'
3 non-polymer 'BICARBONATE ION'
#
loop_
_entity_poly.entity_id
_entity_poly.type
_entity_poly.pdbx_seq_one_letter_code
_entity_poly.pdbx_strand_id
1 'polypeptide(L)'
;MDFLSNFLTDFVGQLQSPTLAFLIGGMVIAALGTQLVIPEAISTIIVFMLLTKIGLTGGMAIRNSNLTEMLLPVAFSVIL
GILIVFIARFTLAKLPNVRTVDALATGGLFGAVSGSTMAAALTTLEESKISYEAWAGALYPFMDIPALVTAIVVANIYLN
KRKRKSAAASIEESFSKQPVAAGDYGDQTDYPRTRQEYLSQQEPEDNRVKIWPIIEESLQGPALSAMLLGLALGIFTKPE
SVYEGFYDPLFRGLLSILMLIMGMEAWSRIGELRKVAQWYVVYSLIAPIVHGFIAFGLGMIAHYATGFSLGGVVVLAVIA
ASSSDISGPPTLRAGIPSANPSAYIGSSTAIGTPIAIGVCIPLFIGLAQTLGAG
;
A,C,G
2 'polypeptide(L)'
;MAKPANKLVIVTEKILLKKIAKIIDESGAKGYTVMNTGGKGSRNVRSSGQPNTSDIEANIKFEILTETREMAEEIADRVA
VKYFNDYAGIIYICSAEVLYGHTFCGPEGC
;
D,E,H
#
# COMPACT_ATOMS: atom_id res chain seq x y z
N MET A 1 -41.33 -25.92 -23.07
CA MET A 1 -40.04 -26.55 -22.83
C MET A 1 -38.98 -25.50 -22.54
N ASP A 2 -38.28 -25.65 -21.42
CA ASP A 2 -37.27 -24.68 -21.02
C ASP A 2 -36.08 -24.73 -21.97
N PHE A 3 -35.54 -23.56 -22.31
CA PHE A 3 -34.47 -23.43 -23.27
C PHE A 3 -33.18 -23.01 -22.59
N LEU A 4 -32.06 -23.46 -23.15
CA LEU A 4 -30.72 -23.12 -22.69
C LEU A 4 -30.14 -21.91 -23.43
N SER A 5 -30.89 -21.32 -24.35
CA SER A 5 -30.38 -20.20 -25.13
C SER A 5 -30.03 -19.02 -24.24
N ASN A 6 -30.90 -18.70 -23.27
CA ASN A 6 -30.61 -17.61 -22.36
C ASN A 6 -29.48 -17.93 -21.39
N PHE A 7 -29.21 -19.22 -21.15
CA PHE A 7 -28.08 -19.58 -20.31
C PHE A 7 -26.76 -19.18 -20.97
N LEU A 8 -26.64 -19.37 -22.29
CA LEU A 8 -25.43 -18.97 -22.99
C LEU A 8 -25.23 -17.46 -22.93
N THR A 9 -26.30 -16.69 -23.10
CA THR A 9 -26.21 -15.24 -22.97
C THR A 9 -25.82 -14.85 -21.55
N ASP A 10 -26.39 -15.52 -20.55
CA ASP A 10 -26.02 -15.25 -19.16
C ASP A 10 -24.61 -15.70 -18.87
N PHE A 11 -24.20 -16.83 -19.45
CA PHE A 11 -22.82 -17.29 -19.29
C PHE A 11 -21.84 -16.29 -19.90
N VAL A 12 -22.16 -15.76 -21.08
CA VAL A 12 -21.32 -14.74 -21.70
C VAL A 12 -21.31 -13.48 -20.85
N GLY A 13 -22.47 -13.11 -20.30
CA GLY A 13 -22.53 -11.95 -19.42
C GLY A 13 -21.63 -12.10 -18.20
N GLN A 14 -21.56 -13.31 -17.65
CA GLN A 14 -20.62 -13.57 -16.56
C GLN A 14 -19.18 -13.54 -17.05
N LEU A 15 -18.94 -13.96 -18.30
CA LEU A 15 -17.60 -13.94 -18.86
C LEU A 15 -17.08 -12.52 -19.04
N GLN A 16 -17.96 -11.55 -19.24
CA GLN A 16 -17.58 -10.16 -19.46
C GLN A 16 -17.63 -9.31 -18.19
N SER A 17 -18.16 -9.84 -17.10
CA SER A 17 -18.25 -9.06 -15.87
C SER A 17 -16.86 -8.81 -15.30
N PRO A 18 -16.65 -7.67 -14.64
CA PRO A 18 -15.32 -7.36 -14.11
C PRO A 18 -14.82 -8.37 -13.09
N THR A 19 -15.73 -9.06 -12.40
CA THR A 19 -15.29 -10.04 -11.40
C THR A 19 -14.56 -11.21 -12.04
N LEU A 20 -15.04 -11.66 -13.21
CA LEU A 20 -14.42 -12.77 -13.92
C LEU A 20 -13.49 -12.34 -15.04
N ALA A 21 -13.74 -11.19 -15.66
CA ALA A 21 -12.87 -10.71 -16.73
C ALA A 21 -11.46 -10.43 -16.21
N PHE A 22 -11.35 -9.82 -15.03
CA PHE A 22 -10.04 -9.56 -14.45
C PHE A 22 -9.33 -10.86 -14.09
N LEU A 23 -10.08 -11.84 -13.56
CA LEU A 23 -9.48 -13.14 -13.26
C LEU A 23 -8.96 -13.82 -14.52
N ILE A 24 -9.76 -13.78 -15.59
CA ILE A 24 -9.31 -14.33 -16.87
C ILE A 24 -8.21 -13.44 -17.47
N GLY A 25 -8.38 -12.12 -17.37
CA GLY A 25 -7.35 -11.23 -17.85
C GLY A 25 -6.03 -11.39 -17.12
N GLY A 26 -6.08 -11.76 -15.85
CA GLY A 26 -4.85 -12.05 -15.13
C GLY A 26 -4.14 -13.28 -15.66
N MET A 27 -4.90 -14.30 -16.04
CA MET A 27 -4.29 -15.49 -16.64
C MET A 27 -3.65 -15.16 -17.98
N VAL A 28 -4.29 -14.32 -18.78
CA VAL A 28 -3.79 -14.01 -20.12
C VAL A 28 -2.46 -13.27 -20.03
N ILE A 29 -2.38 -12.26 -19.18
CA ILE A 29 -1.13 -11.50 -19.07
C ILE A 29 -0.04 -12.35 -18.44
N ALA A 30 -0.39 -13.19 -17.46
CA ALA A 30 0.59 -14.08 -16.87
C ALA A 30 1.09 -15.10 -17.88
N ALA A 31 0.19 -15.64 -18.70
CA ALA A 31 0.60 -16.58 -19.74
C ALA A 31 1.52 -15.91 -20.75
N LEU A 32 1.23 -14.67 -21.12
CA LEU A 32 2.08 -13.93 -22.04
C LEU A 32 3.41 -13.52 -21.41
N GLY A 33 3.55 -13.65 -20.10
CA GLY A 33 4.82 -13.41 -19.45
C GLY A 33 5.03 -11.99 -18.97
N THR A 34 3.99 -11.39 -18.41
CA THR A 34 4.10 -10.04 -17.88
C THR A 34 4.95 -10.02 -16.62
N GLN A 35 5.65 -8.90 -16.41
CA GLN A 35 6.39 -8.66 -15.18
C GLN A 35 5.58 -7.84 -14.18
N LEU A 36 4.32 -7.54 -14.48
CA LEU A 36 3.49 -6.77 -13.58
C LEU A 36 3.17 -7.58 -12.33
N VAL A 37 3.52 -7.03 -11.16
CA VAL A 37 3.21 -7.65 -9.88
C VAL A 37 2.50 -6.63 -9.02
N ILE A 38 1.52 -7.09 -8.24
CA ILE A 38 0.84 -6.25 -7.26
C ILE A 38 1.57 -6.41 -5.93
N PRO A 39 2.04 -5.33 -5.32
CA PRO A 39 2.85 -5.46 -4.10
C PRO A 39 2.10 -6.16 -2.99
N GLU A 40 2.83 -6.93 -2.20
CA GLU A 40 2.21 -7.74 -1.15
C GLU A 40 1.54 -6.88 -0.09
N ALA A 41 2.04 -5.65 0.12
CA ALA A 41 1.40 -4.75 1.06
C ALA A 41 -0.01 -4.40 0.62
N ILE A 42 -0.20 -4.14 -0.68
CA ILE A 42 -1.53 -3.85 -1.18
C ILE A 42 -2.43 -5.08 -1.12
N SER A 43 -1.88 -6.25 -1.46
CA SER A 43 -2.65 -7.48 -1.40
C SER A 43 -3.11 -7.80 0.02
N THR A 44 -2.32 -7.42 1.02
CA THR A 44 -2.70 -7.66 2.41
C THR A 44 -3.85 -6.76 2.83
N ILE A 45 -3.84 -5.49 2.41
CA ILE A 45 -4.91 -4.58 2.79
C ILE A 45 -6.16 -4.78 1.93
N ILE A 46 -6.02 -5.35 0.73
CA ILE A 46 -7.21 -5.65 -0.07
C ILE A 46 -8.02 -6.77 0.58
N VAL A 47 -7.33 -7.80 1.07
CA VAL A 47 -8.02 -8.92 1.72
C VAL A 47 -8.75 -8.44 2.97
N PHE A 48 -8.11 -7.58 3.76
CA PHE A 48 -8.75 -7.04 4.95
C PHE A 48 -9.97 -6.20 4.59
N MET A 49 -9.85 -5.38 3.54
CA MET A 49 -10.95 -4.48 3.19
C MET A 49 -12.10 -5.20 2.50
N LEU A 50 -11.81 -6.28 1.77
CA LEU A 50 -12.90 -7.03 1.14
C LEU A 50 -13.73 -7.78 2.16
N LEU A 51 -13.08 -8.33 3.18
CA LEU A 51 -13.77 -9.12 4.19
C LEU A 51 -14.40 -8.28 5.28
N THR A 52 -13.85 -7.09 5.56
CA THR A 52 -14.50 -6.18 6.49
C THR A 52 -15.85 -5.73 5.94
N LYS A 53 -15.91 -5.43 4.64
CA LYS A 53 -17.18 -5.08 4.03
C LYS A 53 -18.15 -6.25 4.09
N ILE A 54 -17.66 -7.47 3.86
CA ILE A 54 -18.50 -8.65 3.98
C ILE A 54 -18.97 -8.81 5.43
N GLY A 55 -18.06 -8.59 6.39
CA GLY A 55 -18.47 -8.63 7.78
C GLY A 55 -19.40 -7.49 8.16
N LEU A 56 -19.15 -6.30 7.63
CA LEU A 56 -20.00 -5.15 7.95
C LEU A 56 -21.41 -5.36 7.41
N THR A 57 -21.53 -5.77 6.15
CA THR A 57 -22.85 -5.97 5.58
C THR A 57 -23.58 -7.16 6.20
N GLY A 58 -22.84 -8.06 6.86
CA GLY A 58 -23.45 -9.13 7.61
C GLY A 58 -23.84 -8.77 9.03
N GLY A 59 -23.46 -7.58 9.48
CA GLY A 59 -23.84 -7.12 10.80
C GLY A 59 -24.97 -6.12 10.74
N MET A 60 -24.92 -5.20 9.79
CA MET A 60 -26.01 -4.26 9.59
C MET A 60 -27.25 -4.93 9.04
N ALA A 61 -27.15 -6.20 8.62
CA ALA A 61 -28.32 -6.96 8.18
C ALA A 61 -28.89 -7.85 9.26
N ILE A 62 -28.06 -8.36 10.17
CA ILE A 62 -28.56 -9.21 11.25
C ILE A 62 -29.42 -8.42 12.22
N ARG A 63 -28.95 -7.24 12.63
CA ARG A 63 -29.69 -6.45 13.60
C ARG A 63 -30.90 -5.75 12.99
N ASN A 64 -30.94 -5.59 11.68
CA ASN A 64 -32.06 -4.92 11.02
C ASN A 64 -33.16 -5.87 10.57
N SER A 65 -32.98 -7.18 10.78
CA SER A 65 -33.92 -8.18 10.29
C SER A 65 -34.37 -9.08 11.43
N ASN A 66 -35.55 -9.67 11.26
CA ASN A 66 -36.08 -10.60 12.25
C ASN A 66 -35.25 -11.86 12.26
N LEU A 67 -34.83 -12.28 13.45
CA LEU A 67 -33.97 -13.46 13.57
C LEU A 67 -34.74 -14.74 13.24
N THR A 68 -36.03 -14.78 13.55
CA THR A 68 -36.82 -15.97 13.28
C THR A 68 -37.00 -16.22 11.79
N GLU A 69 -36.80 -15.21 10.95
CA GLU A 69 -36.93 -15.37 9.51
C GLU A 69 -35.66 -15.93 8.87
N MET A 70 -34.54 -15.97 9.62
CA MET A 70 -33.27 -16.42 9.07
C MET A 70 -32.71 -17.64 9.80
N LEU A 71 -33.42 -18.16 10.80
CA LEU A 71 -32.87 -19.26 11.59
C LEU A 71 -32.66 -20.51 10.74
N LEU A 72 -33.59 -20.81 9.83
CA LEU A 72 -33.47 -22.04 9.05
C LEU A 72 -32.45 -21.90 7.92
N PRO A 73 -32.49 -20.83 7.11
CA PRO A 73 -31.40 -20.67 6.11
C PRO A 73 -30.02 -20.60 6.73
N VAL A 74 -29.89 -19.99 7.91
CA VAL A 74 -28.59 -19.96 8.58
C VAL A 74 -28.23 -21.34 9.10
N ALA A 75 -29.20 -22.06 9.65
CA ALA A 75 -28.94 -23.43 10.11
C ALA A 75 -28.59 -24.34 8.94
N PHE A 76 -29.13 -24.07 7.75
CA PHE A 76 -28.78 -24.87 6.59
C PHE A 76 -27.36 -24.61 6.13
N SER A 77 -26.88 -23.37 6.26
CA SER A 77 -25.49 -23.08 5.90
C SER A 77 -24.52 -23.84 6.79
N VAL A 78 -24.82 -23.91 8.09
CA VAL A 78 -23.97 -24.67 9.01
C VAL A 78 -23.98 -26.15 8.65
N ILE A 79 -25.15 -26.70 8.36
CA ILE A 79 -25.25 -28.11 7.97
C ILE A 79 -24.55 -28.33 6.63
N LEU A 80 -24.69 -27.39 5.70
CA LEU A 80 -24.12 -27.57 4.37
C LEU A 80 -22.61 -27.54 4.40
N GLY A 81 -22.02 -26.63 5.19
CA GLY A 81 -20.56 -26.56 5.26
C GLY A 81 -19.96 -27.85 5.79
N ILE A 82 -20.58 -28.44 6.79
CA ILE A 82 -20.09 -29.71 7.32
C ILE A 82 -20.33 -30.84 6.33
N LEU A 83 -21.48 -30.83 5.66
CA LEU A 83 -21.83 -31.93 4.76
C LEU A 83 -20.90 -31.98 3.55
N ILE A 84 -20.53 -30.82 3.00
CA ILE A 84 -19.70 -30.79 1.80
C ILE A 84 -18.32 -31.37 2.09
N VAL A 85 -17.76 -31.04 3.25
CA VAL A 85 -16.43 -31.56 3.61
C VAL A 85 -16.46 -33.07 3.73
N PHE A 86 -17.52 -33.61 4.36
CA PHE A 86 -17.63 -35.06 4.48
C PHE A 86 -17.89 -35.74 3.14
N ILE A 87 -18.49 -35.02 2.20
CA ILE A 87 -18.69 -35.58 0.86
C ILE A 87 -17.34 -35.88 0.21
N ALA A 88 -16.39 -34.94 0.31
CA ALA A 88 -15.06 -35.17 -0.20
C ALA A 88 -14.31 -36.25 0.56
N ARG A 89 -14.74 -36.56 1.78
CA ARG A 89 -14.08 -37.61 2.55
C ARG A 89 -14.43 -39.00 2.02
N PHE A 90 -15.65 -39.19 1.55
CA PHE A 90 -16.09 -40.48 1.03
C PHE A 90 -16.13 -40.53 -0.48
N THR A 91 -15.88 -39.42 -1.18
CA THR A 91 -15.88 -39.41 -2.64
C THR A 91 -14.50 -39.11 -3.20
N LEU A 92 -13.88 -37.99 -2.82
CA LEU A 92 -12.58 -37.64 -3.36
C LEU A 92 -11.43 -38.36 -2.67
N ALA A 93 -11.58 -38.65 -1.37
CA ALA A 93 -10.51 -39.28 -0.60
C ALA A 93 -10.41 -40.78 -0.83
N LYS A 94 -11.10 -41.33 -1.84
CA LYS A 94 -11.05 -42.75 -2.11
C LYS A 94 -10.65 -43.07 -3.54
N LEU A 95 -10.10 -42.09 -4.28
CA LEU A 95 -9.59 -42.35 -5.60
C LEU A 95 -8.26 -43.08 -5.52
N PRO A 96 -7.83 -43.74 -6.62
CA PRO A 96 -6.59 -44.53 -6.59
C PRO A 96 -5.39 -43.82 -5.96
N ASN A 97 -5.01 -42.66 -6.47
CA ASN A 97 -3.86 -41.92 -5.96
C ASN A 97 -4.30 -40.52 -5.53
N VAL A 98 -4.81 -40.45 -4.30
CA VAL A 98 -5.23 -39.20 -3.69
C VAL A 98 -4.98 -39.29 -2.20
N ARG A 99 -4.18 -38.37 -1.66
CA ARG A 99 -3.90 -38.38 -0.24
C ARG A 99 -5.12 -37.91 0.54
N THR A 100 -5.48 -38.65 1.59
CA THR A 100 -6.64 -38.29 2.39
C THR A 100 -6.44 -36.96 3.10
N VAL A 101 -5.19 -36.62 3.42
CA VAL A 101 -4.93 -35.32 4.05
C VAL A 101 -5.19 -34.19 3.06
N ASP A 102 -4.85 -34.38 1.79
CA ASP A 102 -5.12 -33.37 0.79
C ASP A 102 -6.60 -33.30 0.44
N ALA A 103 -7.28 -34.45 0.41
CA ALA A 103 -8.70 -34.47 0.06
C ALA A 103 -9.54 -33.72 1.09
N LEU A 104 -9.23 -33.90 2.38
CA LEU A 104 -9.94 -33.15 3.40
C LEU A 104 -9.64 -31.67 3.31
N ALA A 105 -8.42 -31.29 2.92
CA ALA A 105 -8.08 -29.89 2.79
C ALA A 105 -8.84 -29.22 1.66
N THR A 106 -8.94 -29.87 0.50
CA THR A 106 -9.69 -29.29 -0.61
C THR A 106 -11.19 -29.38 -0.38
N GLY A 107 -11.64 -30.36 0.39
CA GLY A 107 -13.04 -30.40 0.78
C GLY A 107 -13.43 -29.25 1.67
N GLY A 108 -12.52 -28.79 2.53
CA GLY A 108 -12.80 -27.64 3.36
C GLY A 108 -12.92 -26.36 2.56
N LEU A 109 -12.08 -26.18 1.55
CA LEU A 109 -12.15 -24.98 0.73
C LEU A 109 -13.40 -24.98 -0.14
N PHE A 110 -13.80 -26.15 -0.65
CA PHE A 110 -15.00 -26.21 -1.47
C PHE A 110 -16.26 -26.11 -0.62
N GLY A 111 -16.20 -26.57 0.63
CA GLY A 111 -17.32 -26.38 1.53
C GLY A 111 -17.44 -24.98 2.08
N ALA A 112 -16.36 -24.20 2.02
CA ALA A 112 -16.36 -22.84 2.55
C ALA A 112 -16.99 -21.90 1.53
N VAL A 113 -16.82 -20.60 1.76
CA VAL A 113 -17.45 -19.56 0.94
C VAL A 113 -16.37 -18.63 0.41
N SER A 114 -16.68 -18.19 -0.80
CA SER A 114 -15.88 -17.31 -1.68
C SER A 114 -16.49 -15.93 -1.60
N GLY A 115 -15.73 -14.90 -1.28
CA GLY A 115 -16.39 -13.59 -1.22
C GLY A 115 -16.61 -13.02 -2.59
N SER A 116 -15.80 -13.40 -3.56
CA SER A 116 -15.92 -12.93 -4.94
C SER A 116 -17.12 -13.55 -5.65
N THR A 117 -17.34 -14.85 -5.46
CA THR A 117 -18.49 -15.50 -6.08
C THR A 117 -19.79 -15.06 -5.44
N MET A 118 -19.80 -14.90 -4.12
CA MET A 118 -20.99 -14.38 -3.45
C MET A 118 -21.30 -12.96 -3.90
N ALA A 119 -20.27 -12.13 -4.05
CA ALA A 119 -20.48 -10.76 -4.52
C ALA A 119 -20.97 -10.72 -5.96
N ALA A 120 -20.60 -11.69 -6.78
CA ALA A 120 -21.08 -11.75 -8.16
C ALA A 120 -22.52 -12.24 -8.24
N ALA A 121 -22.97 -13.05 -7.28
CA ALA A 121 -24.35 -13.51 -7.30
C ALA A 121 -25.32 -12.39 -6.96
N LEU A 122 -24.99 -11.59 -5.94
CA LEU A 122 -25.84 -10.46 -5.59
C LEU A 122 -25.87 -9.42 -6.71
N THR A 123 -24.72 -9.16 -7.33
CA THR A 123 -24.69 -8.22 -8.44
C THR A 123 -25.49 -8.73 -9.64
N THR A 124 -25.37 -10.02 -9.95
CA THR A 124 -26.10 -10.57 -11.08
C THR A 124 -27.60 -10.65 -10.80
N LEU A 125 -27.98 -10.90 -9.54
CA LEU A 125 -29.40 -11.01 -9.21
C LEU A 125 -30.11 -9.69 -9.43
N GLU A 126 -29.51 -8.58 -8.99
CA GLU A 126 -30.15 -7.28 -9.18
C GLU A 126 -30.14 -6.85 -10.63
N GLU A 127 -29.16 -7.32 -11.42
CA GLU A 127 -29.19 -7.07 -12.85
C GLU A 127 -30.34 -7.81 -13.52
N SER A 128 -30.75 -8.95 -12.96
CA SER A 128 -31.92 -9.67 -13.41
C SER A 128 -33.19 -9.26 -12.70
N LYS A 129 -33.11 -8.28 -11.79
CA LYS A 129 -34.25 -7.76 -11.04
C LYS A 129 -34.96 -8.87 -10.27
N ILE A 130 -34.17 -9.68 -9.58
CA ILE A 130 -34.68 -10.73 -8.70
C ILE A 130 -34.44 -10.30 -7.26
N SER A 131 -35.52 -10.16 -6.51
CA SER A 131 -35.40 -9.70 -5.12
C SER A 131 -34.87 -10.83 -4.23
N TYR A 132 -33.88 -10.50 -3.41
CA TYR A 132 -33.30 -11.46 -2.48
C TYR A 132 -33.26 -10.85 -1.08
N GLU A 133 -33.19 -11.72 -0.08
CA GLU A 133 -33.14 -11.27 1.30
C GLU A 133 -31.92 -10.40 1.54
N ALA A 134 -32.12 -9.27 2.21
CA ALA A 134 -31.03 -8.33 2.43
C ALA A 134 -29.94 -8.90 3.34
N TRP A 135 -30.26 -9.90 4.15
CA TRP A 135 -29.30 -10.53 5.04
C TRP A 135 -28.61 -11.73 4.40
N ALA A 136 -28.75 -11.91 3.09
CA ALA A 136 -28.06 -13.01 2.42
C ALA A 136 -26.55 -12.87 2.54
N GLY A 137 -26.06 -11.64 2.69
CA GLY A 137 -24.64 -11.42 2.93
C GLY A 137 -24.16 -11.88 4.29
N ALA A 138 -25.07 -12.17 5.21
CA ALA A 138 -24.72 -12.68 6.52
C ALA A 138 -24.53 -14.18 6.54
N LEU A 139 -24.77 -14.86 5.42
CA LEU A 139 -24.55 -16.31 5.34
C LEU A 139 -23.10 -16.67 5.15
N TYR A 140 -22.26 -15.70 4.90
CA TYR A 140 -20.84 -16.03 4.66
C TYR A 140 -20.22 -16.62 5.92
N PRO A 141 -20.28 -16.07 7.12
CA PRO A 141 -19.57 -16.68 8.26
C PRO A 141 -20.17 -17.99 8.71
N PHE A 142 -21.47 -18.21 8.50
CA PHE A 142 -22.13 -19.39 9.02
C PHE A 142 -21.85 -20.65 8.22
N MET A 143 -21.21 -20.54 7.07
CA MET A 143 -20.75 -21.71 6.32
C MET A 143 -19.25 -21.73 6.12
N ASP A 144 -18.60 -20.57 5.99
CA ASP A 144 -17.15 -20.55 5.86
C ASP A 144 -16.48 -21.12 7.10
N ILE A 145 -16.84 -20.61 8.29
CA ILE A 145 -16.20 -21.07 9.52
C ILE A 145 -16.47 -22.54 9.81
N PRO A 146 -17.71 -23.04 9.75
CA PRO A 146 -17.92 -24.48 10.00
C PRO A 146 -17.21 -25.38 9.00
N ALA A 147 -17.07 -24.94 7.75
CA ALA A 147 -16.41 -25.79 6.76
C ALA A 147 -14.91 -25.89 7.02
N LEU A 148 -14.26 -24.75 7.27
CA LEU A 148 -12.82 -24.78 7.55
C LEU A 148 -12.53 -25.54 8.83
N VAL A 149 -13.32 -25.30 9.87
CA VAL A 149 -13.09 -25.97 11.16
C VAL A 149 -13.29 -27.47 11.02
N THR A 150 -14.32 -27.88 10.26
CA THR A 150 -14.57 -29.30 10.06
C THR A 150 -13.39 -29.97 9.35
N ALA A 151 -12.84 -29.32 8.33
CA ALA A 151 -11.72 -29.89 7.61
C ALA A 151 -10.51 -30.09 8.52
N ILE A 152 -10.22 -29.10 9.36
CA ILE A 152 -9.08 -29.22 10.28
C ILE A 152 -9.35 -30.31 11.32
N VAL A 153 -10.57 -30.37 11.84
CA VAL A 153 -10.87 -31.33 12.91
C VAL A 153 -10.83 -32.76 12.37
N VAL A 154 -11.46 -33.01 11.22
CA VAL A 154 -11.51 -34.37 10.69
C VAL A 154 -10.12 -34.82 10.25
N ALA A 155 -9.36 -33.95 9.59
CA ALA A 155 -8.04 -34.34 9.12
C ALA A 155 -7.10 -34.61 10.28
N ASN A 156 -7.13 -33.77 11.32
CA ASN A 156 -6.26 -33.99 12.47
C ASN A 156 -6.62 -35.27 13.20
N ILE A 157 -7.92 -35.56 13.32
CA ILE A 157 -8.35 -36.82 13.92
C ILE A 157 -7.87 -37.99 13.09
N TYR A 158 -7.95 -37.87 11.76
CA TYR A 158 -7.44 -38.91 10.88
C TYR A 158 -5.94 -39.08 11.04
N LEU A 159 -5.22 -37.97 11.19
CA LEU A 159 -3.77 -38.05 11.34
C LEU A 159 -3.35 -38.77 12.62
N ASN A 160 -4.06 -38.51 13.72
CA ASN A 160 -3.74 -39.18 14.98
C ASN A 160 -3.94 -40.69 14.88
N LYS A 161 -5.03 -41.12 14.25
CA LYS A 161 -5.26 -42.54 14.06
C LYS A 161 -4.19 -43.15 13.15
N ARG A 162 -3.76 -42.40 12.14
CA ARG A 162 -2.67 -42.83 11.28
C ARG A 162 -1.31 -42.80 11.98
N LYS A 163 -1.26 -42.23 13.19
CA LYS A 163 -0.03 -42.14 13.98
C LYS A 163 1.06 -41.37 13.25
N VAL A 209 -4.70 -33.24 19.03
CA VAL A 209 -5.41 -33.82 20.16
C VAL A 209 -6.43 -32.84 20.71
N LYS A 210 -5.97 -31.62 21.01
CA LYS A 210 -6.85 -30.58 21.53
C LYS A 210 -7.83 -30.12 20.44
N ILE A 211 -9.06 -29.85 20.84
CA ILE A 211 -10.12 -29.46 19.92
C ILE A 211 -10.31 -27.95 19.88
N TRP A 212 -10.39 -27.31 21.06
CA TRP A 212 -10.59 -25.87 21.11
C TRP A 212 -9.50 -25.06 20.44
N PRO A 213 -8.20 -25.33 20.65
CA PRO A 213 -7.18 -24.54 19.95
C PRO A 213 -7.28 -24.62 18.45
N ILE A 214 -7.85 -25.69 17.90
CA ILE A 214 -8.06 -25.78 16.46
C ILE A 214 -8.98 -24.67 15.98
N ILE A 215 -10.07 -24.42 16.71
CA ILE A 215 -10.99 -23.36 16.32
C ILE A 215 -10.37 -21.99 16.53
N GLU A 216 -9.74 -21.77 17.69
CA GLU A 216 -9.25 -20.44 18.02
C GLU A 216 -8.05 -20.04 17.18
N GLU A 217 -7.18 -20.99 16.84
CA GLU A 217 -6.06 -20.66 15.96
C GLU A 217 -6.52 -20.34 14.55
N SER A 218 -7.51 -21.09 14.05
CA SER A 218 -8.07 -20.80 12.74
C SER A 218 -8.84 -19.48 12.73
N LEU A 219 -9.62 -19.23 13.78
CA LEU A 219 -10.55 -18.12 13.76
C LEU A 219 -9.85 -16.78 14.00
N GLN A 220 -8.76 -16.77 14.74
CA GLN A 220 -8.05 -15.55 15.09
C GLN A 220 -7.01 -15.14 14.06
N GLY A 221 -6.81 -15.94 13.02
CA GLY A 221 -5.86 -15.61 11.98
C GLY A 221 -6.36 -14.48 11.11
N PRO A 222 -5.52 -13.98 10.22
CA PRO A 222 -5.95 -12.90 9.33
C PRO A 222 -6.99 -13.39 8.35
N ALA A 223 -7.78 -12.43 7.84
CA ALA A 223 -8.81 -12.67 6.84
C ALA A 223 -10.01 -13.39 7.43
N LEU A 224 -9.91 -13.81 8.68
CA LEU A 224 -11.04 -14.36 9.41
C LEU A 224 -11.41 -13.54 10.62
N SER A 225 -10.42 -12.95 11.30
CA SER A 225 -10.69 -12.00 12.37
C SER A 225 -11.14 -10.67 11.82
N ALA A 226 -10.73 -10.31 10.60
CA ALA A 226 -11.22 -9.10 9.97
C ALA A 226 -12.71 -9.18 9.70
N MET A 227 -13.19 -10.35 9.26
CA MET A 227 -14.61 -10.51 9.02
C MET A 227 -15.41 -10.41 10.31
N LEU A 228 -14.92 -11.04 11.39
CA LEU A 228 -15.59 -10.92 12.67
C LEU A 228 -15.55 -9.49 13.20
N LEU A 229 -14.44 -8.79 12.97
CA LEU A 229 -14.38 -7.37 13.32
C LEU A 229 -15.46 -6.60 12.60
N GLY A 230 -15.66 -6.87 11.31
CA GLY A 230 -16.76 -6.25 10.60
C GLY A 230 -18.11 -6.70 11.12
N LEU A 231 -18.21 -7.96 11.54
CA LEU A 231 -19.47 -8.48 12.07
C LEU A 231 -19.83 -7.78 13.39
N ALA A 232 -18.87 -7.71 14.31
CA ALA A 232 -19.16 -7.12 15.63
C ALA A 232 -19.51 -5.65 15.51
N LEU A 233 -18.81 -4.92 14.65
CA LEU A 233 -19.10 -3.50 14.47
C LEU A 233 -20.48 -3.29 13.85
N GLY A 234 -20.84 -4.13 12.87
CA GLY A 234 -22.15 -3.99 12.25
C GLY A 234 -23.30 -4.29 13.19
N ILE A 235 -23.17 -5.36 13.98
CA ILE A 235 -24.27 -5.78 14.85
C ILE A 235 -24.52 -4.76 15.94
N PHE A 236 -23.45 -4.28 16.59
CA PHE A 236 -23.59 -3.41 17.75
C PHE A 236 -23.50 -1.93 17.41
N THR A 237 -22.43 -1.50 16.73
CA THR A 237 -22.22 -0.10 16.44
C THR A 237 -23.06 0.31 15.22
N LYS A 238 -22.81 1.51 14.70
CA LYS A 238 -23.53 2.05 13.55
C LYS A 238 -22.50 2.53 12.53
N PRO A 239 -21.91 1.62 11.77
CA PRO A 239 -20.86 2.01 10.82
C PRO A 239 -21.40 2.44 9.47
N GLU A 240 -22.70 2.76 9.40
CA GLU A 240 -23.31 3.11 8.13
C GLU A 240 -22.61 4.28 7.45
N SER A 241 -22.11 5.23 8.24
CA SER A 241 -21.42 6.38 7.66
C SER A 241 -20.13 5.96 6.97
N VAL A 242 -19.37 5.04 7.57
CA VAL A 242 -18.11 4.62 7.00
C VAL A 242 -18.25 3.42 6.07
N TYR A 243 -19.38 2.70 6.15
CA TYR A 243 -19.56 1.54 5.28
C TYR A 243 -20.01 1.96 3.89
N GLU A 244 -20.98 2.86 3.81
CA GLU A 244 -21.53 3.30 2.52
C GLU A 244 -20.68 4.35 1.83
N GLY A 245 -19.62 4.83 2.48
CA GLY A 245 -18.78 5.84 1.87
C GLY A 245 -17.39 5.36 1.52
N PHE A 246 -16.91 4.32 2.20
CA PHE A 246 -15.56 3.84 1.98
C PHE A 246 -15.48 2.35 1.72
N TYR A 247 -16.30 1.56 2.41
CA TYR A 247 -16.23 0.11 2.31
C TYR A 247 -17.11 -0.47 1.22
N ASP A 248 -18.30 0.08 1.01
CA ASP A 248 -19.20 -0.39 -0.02
C ASP A 248 -18.83 0.13 -1.42
N PRO A 249 -18.66 1.45 -1.63
CA PRO A 249 -18.54 1.94 -3.00
C PRO A 249 -17.35 1.37 -3.76
N LEU A 250 -16.24 1.08 -3.10
CA LEU A 250 -15.06 0.54 -3.76
C LEU A 250 -14.77 -0.89 -3.32
N PHE A 251 -15.80 -1.63 -2.90
CA PHE A 251 -15.61 -3.04 -2.57
C PHE A 251 -15.35 -3.86 -3.82
N ARG A 252 -16.17 -3.68 -4.86
CA ARG A 252 -15.99 -4.45 -6.08
C ARG A 252 -14.81 -3.96 -6.90
N GLY A 253 -14.41 -2.71 -6.73
CA GLY A 253 -13.20 -2.24 -7.40
C GLY A 253 -11.95 -2.92 -6.89
N LEU A 254 -11.83 -3.04 -5.56
CA LEU A 254 -10.71 -3.78 -4.99
C LEU A 254 -10.82 -5.26 -5.29
N LEU A 255 -12.04 -5.77 -5.47
CA LEU A 255 -12.23 -7.16 -5.84
C LEU A 255 -11.61 -7.46 -7.19
N SER A 256 -11.73 -6.54 -8.13
CA SER A 256 -11.16 -6.74 -9.46
C SER A 256 -9.64 -6.86 -9.40
N ILE A 257 -9.00 -6.05 -8.55
CA ILE A 257 -7.55 -6.17 -8.38
C ILE A 257 -7.20 -7.52 -7.78
N LEU A 258 -7.96 -7.97 -6.79
CA LEU A 258 -7.67 -9.25 -6.16
C LEU A 258 -7.86 -10.40 -7.14
N MET A 259 -8.92 -10.35 -7.96
CA MET A 259 -9.10 -11.38 -8.98
C MET A 259 -7.97 -11.37 -10.00
N LEU A 260 -7.43 -10.19 -10.30
CA LEU A 260 -6.24 -10.11 -11.15
C LEU A 260 -5.06 -10.79 -10.48
N ILE A 261 -4.90 -10.59 -9.17
CA ILE A 261 -3.83 -11.24 -8.43
C ILE A 261 -4.01 -12.75 -8.47
N MET A 262 -5.24 -13.21 -8.22
CA MET A 262 -5.52 -14.64 -8.29
C MET A 262 -5.38 -15.16 -9.72
N GLY A 263 -5.83 -14.37 -10.70
CA GLY A 263 -5.72 -14.81 -12.08
C GLY A 263 -4.29 -14.93 -12.55
N MET A 264 -3.42 -14.00 -12.13
CA MET A 264 -2.02 -14.06 -12.51
C MET A 264 -1.34 -15.29 -11.93
N GLU A 265 -1.61 -15.60 -10.66
CA GLU A 265 -1.03 -16.78 -10.03
C GLU A 265 -1.72 -18.07 -10.43
N ALA A 266 -2.96 -18.00 -10.93
CA ALA A 266 -3.65 -19.21 -11.36
C ALA A 266 -2.97 -19.85 -12.56
N TRP A 267 -2.20 -19.09 -13.33
CA TRP A 267 -1.41 -19.69 -14.40
C TRP A 267 -0.33 -20.61 -13.84
N SER A 268 0.30 -20.21 -12.73
CA SER A 268 1.33 -21.04 -12.12
C SER A 268 0.73 -22.29 -11.49
N ARG A 269 -0.41 -22.14 -10.80
CA ARG A 269 -1.07 -23.30 -10.21
C ARG A 269 -1.53 -24.28 -11.29
N ILE A 270 -2.08 -23.77 -12.37
CA ILE A 270 -2.45 -24.61 -13.51
C ILE A 270 -1.17 -25.12 -14.18
N GLY A 271 -1.15 -26.40 -14.52
CA GLY A 271 0.03 -27.03 -15.08
C GLY A 271 0.88 -27.69 -14.03
N GLU A 272 1.09 -27.02 -12.89
CA GLU A 272 1.71 -27.71 -11.77
C GLU A 272 0.70 -28.59 -11.04
N LEU A 273 -0.59 -28.25 -11.13
CA LEU A 273 -1.65 -29.09 -10.58
C LEU A 273 -1.77 -30.40 -11.33
N ARG A 274 -1.12 -30.53 -12.48
CA ARG A 274 -1.14 -31.76 -13.25
C ARG A 274 -0.11 -32.77 -12.77
N LYS A 275 0.64 -32.45 -11.72
CA LYS A 275 1.67 -33.33 -11.19
C LYS A 275 1.27 -34.01 -9.90
N VAL A 276 0.08 -33.74 -9.37
CA VAL A 276 -0.37 -34.37 -8.12
C VAL A 276 -1.30 -35.54 -8.39
N ALA A 277 -2.39 -35.32 -9.11
CA ALA A 277 -3.33 -36.38 -9.45
C ALA A 277 -4.24 -35.88 -10.56
N GLN A 278 -4.90 -36.81 -11.23
CA GLN A 278 -5.83 -36.47 -12.29
C GLN A 278 -7.25 -36.29 -11.80
N TRP A 279 -7.53 -36.59 -10.53
CA TRP A 279 -8.89 -36.51 -10.00
C TRP A 279 -9.18 -35.20 -9.29
N TYR A 280 -8.17 -34.33 -9.11
CA TYR A 280 -8.42 -33.03 -8.54
C TYR A 280 -9.00 -32.04 -9.55
N VAL A 281 -8.89 -32.35 -10.84
CA VAL A 281 -9.53 -31.54 -11.87
C VAL A 281 -10.96 -31.99 -12.12
N VAL A 282 -11.20 -33.31 -12.09
CA VAL A 282 -12.57 -33.82 -12.23
C VAL A 282 -13.44 -33.37 -11.07
N TYR A 283 -12.90 -33.42 -9.85
CA TYR A 283 -13.67 -33.00 -8.69
C TYR A 283 -13.99 -31.51 -8.75
N SER A 284 -12.98 -30.68 -8.99
CA SER A 284 -13.18 -29.24 -9.00
C SER A 284 -14.09 -28.79 -10.13
N LEU A 285 -14.25 -29.60 -11.18
CA LEU A 285 -15.15 -29.25 -12.27
C LEU A 285 -16.59 -29.63 -11.95
N ILE A 286 -16.81 -30.70 -11.19
CA ILE A 286 -18.14 -31.22 -10.96
C ILE A 286 -18.65 -30.92 -9.56
N ALA A 287 -17.78 -30.80 -8.56
CA ALA A 287 -18.25 -30.54 -7.20
C ALA A 287 -19.07 -29.26 -7.06
N PRO A 288 -18.70 -28.12 -7.65
CA PRO A 288 -19.57 -26.94 -7.53
C PRO A 288 -20.97 -27.17 -8.08
N ILE A 289 -21.12 -27.96 -9.14
CA ILE A 289 -22.45 -28.25 -9.65
C ILE A 289 -23.21 -29.15 -8.67
N VAL A 290 -22.53 -30.13 -8.08
CA VAL A 290 -23.19 -31.02 -7.13
C VAL A 290 -23.50 -30.28 -5.83
N HIS A 291 -22.55 -29.48 -5.34
CA HIS A 291 -22.77 -28.76 -4.09
C HIS A 291 -23.88 -27.73 -4.24
N GLY A 292 -23.95 -27.07 -5.40
CA GLY A 292 -25.00 -26.09 -5.60
C GLY A 292 -26.38 -26.72 -5.69
N PHE A 293 -26.48 -27.88 -6.34
CA PHE A 293 -27.78 -28.53 -6.49
C PHE A 293 -28.31 -29.06 -5.16
N ILE A 294 -27.42 -29.51 -4.27
CA ILE A 294 -27.84 -29.88 -2.92
C ILE A 294 -28.29 -28.64 -2.17
N ALA A 295 -27.56 -27.53 -2.33
CA ALA A 295 -27.95 -26.28 -1.68
C ALA A 295 -29.29 -25.78 -2.19
N PHE A 296 -29.53 -25.91 -3.50
CA PHE A 296 -30.82 -25.50 -4.06
C PHE A 296 -31.95 -26.33 -3.49
N GLY A 297 -31.74 -27.64 -3.35
CA GLY A 297 -32.78 -28.48 -2.76
C GLY A 297 -33.06 -28.15 -1.32
N LEU A 298 -32.00 -27.95 -0.52
CA LEU A 298 -32.19 -27.54 0.87
C LEU A 298 -32.78 -26.14 0.96
N GLY A 299 -32.31 -25.22 0.11
CA GLY A 299 -32.86 -23.88 0.12
C GLY A 299 -34.31 -23.83 -0.26
N MET A 300 -34.74 -24.69 -1.19
CA MET A 300 -36.14 -24.74 -1.58
C MET A 300 -37.03 -25.30 -0.49
N ILE A 301 -36.47 -26.08 0.44
CA ILE A 301 -37.24 -26.53 1.60
C ILE A 301 -37.62 -25.34 2.47
N ALA A 302 -36.67 -24.44 2.71
CA ALA A 302 -36.97 -23.23 3.47
C ALA A 302 -37.87 -22.28 2.71
N HIS A 303 -38.00 -22.44 1.39
CA HIS A 303 -38.88 -21.59 0.61
C HIS A 303 -40.35 -21.84 0.95
N TYR A 304 -40.70 -23.07 1.32
CA TYR A 304 -42.05 -23.41 1.76
C TYR A 304 -42.19 -23.44 3.27
N ALA A 305 -41.17 -23.90 3.99
CA ALA A 305 -41.23 -23.90 5.45
C ALA A 305 -41.29 -22.47 5.99
N THR A 306 -40.49 -21.57 5.44
CA THR A 306 -40.51 -20.16 5.84
C THR A 306 -40.73 -19.27 4.63
N GLY A 307 -40.58 -17.96 4.81
CA GLY A 307 -40.76 -17.03 3.72
C GLY A 307 -39.49 -16.70 2.97
N PHE A 308 -38.61 -17.68 2.82
CA PHE A 308 -37.36 -17.48 2.09
C PHE A 308 -37.66 -17.26 0.62
N SER A 309 -37.21 -16.14 0.08
CA SER A 309 -37.53 -15.77 -1.30
C SER A 309 -36.83 -16.70 -2.28
N LEU A 310 -37.47 -16.90 -3.44
CA LEU A 310 -36.89 -17.74 -4.48
C LEU A 310 -35.60 -17.16 -5.03
N GLY A 311 -35.39 -15.85 -4.89
CA GLY A 311 -34.10 -15.27 -5.21
C GLY A 311 -33.07 -15.37 -4.12
N GLY A 312 -33.46 -15.89 -2.95
CA GLY A 312 -32.54 -16.10 -1.86
C GLY A 312 -31.91 -17.48 -1.88
N VAL A 313 -32.62 -18.45 -2.46
CA VAL A 313 -32.04 -19.78 -2.63
C VAL A 313 -30.96 -19.76 -3.69
N VAL A 314 -30.99 -18.80 -4.61
CA VAL A 314 -29.90 -18.64 -5.56
C VAL A 314 -28.63 -18.25 -4.84
N VAL A 315 -28.73 -17.34 -3.87
CA VAL A 315 -27.57 -16.99 -3.06
C VAL A 315 -27.11 -18.21 -2.28
N LEU A 316 -28.04 -18.95 -1.67
CA LEU A 316 -27.67 -20.14 -0.92
C LEU A 316 -27.07 -21.21 -1.82
N ALA A 317 -27.55 -21.32 -3.06
CA ALA A 317 -26.98 -22.29 -3.99
C ALA A 317 -25.60 -21.86 -4.46
N VAL A 318 -25.45 -20.58 -4.82
CA VAL A 318 -24.17 -20.08 -5.29
C VAL A 318 -23.15 -20.04 -4.15
N ILE A 319 -23.59 -19.67 -2.95
CA ILE A 319 -22.67 -19.59 -1.81
C ILE A 319 -22.10 -20.95 -1.45
N ALA A 320 -22.82 -22.03 -1.78
CA ALA A 320 -22.32 -23.37 -1.52
C ALA A 320 -21.51 -23.92 -2.67
N ALA A 321 -21.87 -23.57 -3.90
CA ALA A 321 -21.07 -23.98 -5.06
C ALA A 321 -19.71 -23.29 -5.06
N SER A 322 -19.62 -22.09 -4.49
CA SER A 322 -18.38 -21.36 -4.46
C SER A 322 -17.35 -22.06 -3.58
N SER A 323 -16.08 -21.94 -3.98
CA SER A 323 -14.96 -22.48 -3.23
C SER A 323 -14.10 -21.34 -2.72
N SER A 324 -13.82 -21.34 -1.42
CA SER A 324 -13.11 -20.22 -0.81
C SER A 324 -11.71 -20.10 -1.36
N ASP A 325 -11.29 -18.86 -1.64
CA ASP A 325 -9.95 -18.60 -2.15
C ASP A 325 -9.28 -17.41 -1.49
N ILE A 326 -9.92 -16.74 -0.53
CA ILE A 326 -9.34 -15.61 0.18
C ILE A 326 -9.00 -15.98 1.62
N SER A 327 -10.00 -16.40 2.40
CA SER A 327 -9.81 -16.78 3.79
C SER A 327 -9.68 -18.30 3.97
N GLY A 328 -9.69 -19.06 2.89
CA GLY A 328 -9.62 -20.50 2.96
C GLY A 328 -8.20 -21.04 3.00
N PRO A 329 -7.40 -20.74 1.99
CA PRO A 329 -6.04 -21.29 1.92
C PRO A 329 -5.19 -20.94 3.14
N PRO A 330 -5.14 -19.67 3.59
CA PRO A 330 -4.31 -19.38 4.77
C PRO A 330 -4.78 -20.12 6.02
N THR A 331 -6.09 -20.34 6.17
CA THR A 331 -6.58 -21.06 7.34
C THR A 331 -6.21 -22.53 7.29
N LEU A 332 -6.34 -23.17 6.13
CA LEU A 332 -6.00 -24.58 6.02
C LEU A 332 -4.50 -24.81 6.09
N ARG A 333 -3.71 -23.82 5.66
CA ARG A 333 -2.25 -23.96 5.74
C ARG A 333 -1.79 -24.08 7.18
N ALA A 334 -2.35 -23.27 8.07
CA ALA A 334 -1.98 -23.32 9.48
C ALA A 334 -2.73 -24.39 10.26
N GLY A 335 -3.76 -25.00 9.66
CA GLY A 335 -4.52 -26.03 10.33
C GLY A 335 -4.09 -27.42 9.93
N ILE A 336 -3.80 -27.62 8.65
CA ILE A 336 -3.33 -28.90 8.13
C ILE A 336 -2.01 -28.66 7.40
N PRO A 337 -0.90 -28.52 8.12
CA PRO A 337 0.38 -28.27 7.44
C PRO A 337 0.81 -29.40 6.52
N SER A 338 0.48 -30.65 6.84
CA SER A 338 0.90 -31.77 6.03
C SER A 338 0.20 -31.82 4.67
N ALA A 339 -0.91 -31.10 4.51
CA ALA A 339 -1.61 -31.07 3.23
C ALA A 339 -0.81 -30.24 2.23
N ASN A 340 -0.70 -30.75 1.02
CA ASN A 340 0.00 -30.03 -0.04
C ASN A 340 -0.75 -28.74 -0.34
N PRO A 341 -0.15 -27.57 -0.15
CA PRO A 341 -0.91 -26.34 -0.37
C PRO A 341 -0.93 -25.93 -1.83
N SER A 342 -1.11 -26.92 -2.69
CA SER A 342 -1.24 -26.69 -4.12
C SER A 342 -2.31 -27.55 -4.77
N ALA A 343 -2.64 -28.70 -4.19
CA ALA A 343 -3.75 -29.53 -4.66
C ALA A 343 -5.08 -29.07 -4.08
N TYR A 344 -5.07 -28.14 -3.13
CA TYR A 344 -6.30 -27.54 -2.62
C TYR A 344 -6.37 -26.04 -2.82
N ILE A 345 -5.24 -25.37 -3.04
CA ILE A 345 -5.29 -23.97 -3.45
C ILE A 345 -5.45 -23.88 -4.97
N GLY A 346 -4.69 -24.68 -5.72
CA GLY A 346 -4.80 -24.67 -7.16
C GLY A 346 -6.07 -25.31 -7.69
N SER A 347 -6.71 -26.16 -6.89
CA SER A 347 -7.96 -26.80 -7.29
C SER A 347 -9.19 -26.01 -6.89
N SER A 348 -9.02 -24.92 -6.14
CA SER A 348 -10.14 -24.08 -5.73
C SER A 348 -10.01 -22.64 -6.18
N THR A 349 -8.81 -22.17 -6.52
CA THR A 349 -8.61 -20.82 -7.04
C THR A 349 -8.55 -20.80 -8.56
N ALA A 350 -7.89 -21.79 -9.16
CA ALA A 350 -7.72 -21.81 -10.60
C ALA A 350 -8.92 -22.42 -11.31
N ILE A 351 -9.51 -23.48 -10.74
CA ILE A 351 -10.61 -24.18 -11.39
C ILE A 351 -11.88 -24.07 -10.56
N GLY A 352 -11.73 -23.96 -9.24
CA GLY A 352 -12.90 -23.94 -8.38
C GLY A 352 -13.74 -22.68 -8.52
N THR A 353 -13.07 -21.53 -8.62
CA THR A 353 -13.77 -20.24 -8.68
C THR A 353 -14.33 -19.94 -10.08
N PRO A 354 -13.57 -20.10 -11.16
CA PRO A 354 -14.15 -19.81 -12.49
C PRO A 354 -15.38 -20.64 -12.81
N ILE A 355 -15.40 -21.91 -12.39
CA ILE A 355 -16.57 -22.74 -12.64
C ILE A 355 -17.75 -22.29 -11.78
N ALA A 356 -17.49 -21.98 -10.51
CA ALA A 356 -18.55 -21.56 -9.60
C ALA A 356 -19.03 -20.14 -9.87
N ILE A 357 -18.32 -19.38 -10.70
CA ILE A 357 -18.70 -18.00 -11.00
C ILE A 357 -19.09 -17.81 -12.46
N GLY A 358 -18.80 -18.77 -13.33
CA GLY A 358 -19.14 -18.63 -14.73
C GLY A 358 -20.15 -19.65 -15.20
N VAL A 359 -20.16 -20.84 -14.57
CA VAL A 359 -21.07 -21.90 -14.95
C VAL A 359 -22.14 -22.15 -13.90
N CYS A 360 -21.89 -21.78 -12.64
CA CYS A 360 -22.86 -22.03 -11.58
C CYS A 360 -23.87 -20.89 -11.45
N ILE A 361 -23.40 -19.64 -11.44
CA ILE A 361 -24.31 -18.51 -11.30
C ILE A 361 -25.33 -18.43 -12.43
N PRO A 362 -24.95 -18.52 -13.71
CA PRO A 362 -25.97 -18.55 -14.77
C PRO A 362 -26.89 -19.75 -14.67
N LEU A 363 -26.40 -20.88 -14.17
CA LEU A 363 -27.23 -22.09 -14.11
C LEU A 363 -28.32 -21.95 -13.05
N PHE A 364 -27.96 -21.48 -11.85
CA PHE A 364 -28.93 -21.40 -10.76
C PHE A 364 -29.87 -20.22 -10.94
N ILE A 365 -29.37 -19.09 -11.44
CA ILE A 365 -30.24 -17.96 -11.74
C ILE A 365 -31.23 -18.35 -12.83
N GLY A 366 -30.75 -19.04 -13.86
CA GLY A 366 -31.66 -19.53 -14.90
C GLY A 366 -32.63 -20.56 -14.35
N LEU A 367 -32.18 -21.39 -13.40
CA LEU A 367 -33.07 -22.37 -12.79
C LEU A 367 -34.18 -21.69 -11.99
N ALA A 368 -33.83 -20.64 -11.24
CA ALA A 368 -34.85 -19.93 -10.46
C ALA A 368 -35.85 -19.24 -11.36
N GLN A 369 -35.38 -18.66 -12.47
CA GLN A 369 -36.29 -17.97 -13.39
C GLN A 369 -37.30 -18.95 -13.99
N THR A 370 -36.86 -20.14 -14.36
CA THR A 370 -37.76 -21.14 -14.92
C THR A 370 -38.59 -21.85 -13.86
N LEU A 371 -38.31 -21.62 -12.58
CA LEU A 371 -39.03 -22.26 -11.49
C LEU A 371 -40.04 -21.34 -10.82
N GLY A 372 -39.86 -20.03 -10.94
CA GLY A 372 -40.76 -19.08 -10.30
C GLY A 372 -40.38 -17.65 -10.52
N ALA A 373 -40.37 -16.86 -9.44
CA ALA A 373 -40.07 -15.44 -9.54
C ALA A 373 -38.65 -15.22 -10.05
N GLY A 374 -38.50 -14.24 -10.94
CA GLY A 374 -37.22 -13.91 -11.51
C GLY A 374 -37.17 -12.52 -12.11
N ALA B 2 34.90 -6.07 21.15
CA ALA B 2 34.02 -6.94 20.38
C ALA B 2 33.75 -8.24 21.14
N LYS B 3 32.50 -8.69 21.09
CA LYS B 3 32.08 -9.92 21.74
C LYS B 3 31.71 -10.95 20.66
N PRO B 4 32.37 -12.08 20.59
CA PRO B 4 32.04 -13.07 19.55
C PRO B 4 30.61 -13.57 19.70
N ALA B 5 29.98 -13.85 18.56
CA ALA B 5 28.60 -14.30 18.54
C ALA B 5 28.37 -15.15 17.31
N ASN B 6 27.30 -15.94 17.35
CA ASN B 6 26.88 -16.76 16.23
C ASN B 6 25.55 -16.23 15.70
N LYS B 7 25.50 -15.95 14.40
CA LYS B 7 24.31 -15.37 13.78
C LYS B 7 23.51 -16.49 13.13
N LEU B 8 22.40 -16.87 13.75
CA LEU B 8 21.53 -17.90 13.21
C LEU B 8 20.47 -17.24 12.33
N VAL B 9 20.42 -17.64 11.07
CA VAL B 9 19.47 -17.09 10.10
C VAL B 9 18.44 -18.16 9.78
N ILE B 10 17.16 -17.80 9.93
CA ILE B 10 16.06 -18.72 9.66
C ILE B 10 15.20 -18.11 8.56
N VAL B 11 15.13 -18.81 7.41
CA VAL B 11 14.31 -18.37 6.28
C VAL B 11 13.21 -19.40 6.10
N THR B 12 11.97 -18.99 6.35
CA THR B 12 10.82 -19.89 6.31
C THR B 12 9.67 -19.18 5.62
N GLU B 13 8.48 -19.79 5.70
CA GLU B 13 7.28 -19.18 5.15
C GLU B 13 6.72 -18.15 6.10
N LYS B 14 5.91 -17.23 5.54
CA LYS B 14 5.36 -16.14 6.34
C LYS B 14 4.33 -16.61 7.36
N ILE B 15 3.71 -17.78 7.14
CA ILE B 15 2.70 -18.27 8.07
C ILE B 15 3.29 -18.59 9.43
N LEU B 16 4.61 -18.82 9.50
CA LEU B 16 5.28 -19.21 10.74
C LEU B 16 5.90 -18.02 11.47
N LEU B 17 5.48 -16.79 11.14
CA LEU B 17 6.07 -15.62 11.79
C LEU B 17 5.75 -15.60 13.29
N LYS B 18 4.52 -15.91 13.65
CA LYS B 18 4.10 -15.88 15.05
C LYS B 18 4.39 -17.18 15.80
N LYS B 19 4.77 -18.24 15.09
CA LYS B 19 5.09 -19.52 15.72
C LYS B 19 6.59 -19.71 15.93
N ILE B 20 7.41 -19.36 14.95
CA ILE B 20 8.85 -19.48 15.12
C ILE B 20 9.36 -18.46 16.13
N ALA B 21 8.80 -17.24 16.11
CA ALA B 21 9.21 -16.21 17.06
C ALA B 21 8.94 -16.64 18.49
N LYS B 22 7.90 -17.45 18.72
CA LYS B 22 7.66 -17.98 20.05
C LYS B 22 8.79 -18.91 20.49
N ILE B 23 9.30 -19.73 19.57
CA ILE B 23 10.40 -20.62 19.90
C ILE B 23 11.66 -19.81 20.22
N ILE B 24 11.89 -18.73 19.49
CA ILE B 24 13.07 -17.91 19.72
C ILE B 24 13.02 -17.27 21.10
N ASP B 25 11.86 -16.72 21.47
CA ASP B 25 11.72 -16.07 22.77
C ASP B 25 11.77 -17.08 23.91
N GLU B 26 11.13 -18.24 23.72
CA GLU B 26 11.15 -19.27 24.76
C GLU B 26 12.52 -19.89 24.95
N SER B 27 13.42 -19.74 23.98
CA SER B 27 14.76 -20.31 24.06
C SER B 27 15.75 -19.41 24.76
N GLY B 28 15.34 -18.21 25.16
CA GLY B 28 16.23 -17.31 25.86
C GLY B 28 17.00 -16.35 24.98
N ALA B 29 16.62 -16.19 23.73
CA ALA B 29 17.30 -15.26 22.84
C ALA B 29 16.90 -13.83 23.17
N LYS B 30 17.91 -12.97 23.35
CA LYS B 30 17.65 -11.57 23.71
C LYS B 30 17.50 -10.73 22.45
N GLY B 31 16.38 -10.94 21.77
CA GLY B 31 16.05 -10.17 20.60
C GLY B 31 16.34 -10.87 19.29
N TYR B 32 15.41 -10.80 18.35
CA TYR B 32 15.55 -11.36 17.02
C TYR B 32 15.33 -10.28 15.97
N THR B 33 15.32 -10.70 14.71
CA THR B 33 15.24 -9.76 13.59
C THR B 33 14.55 -10.46 12.43
N VAL B 34 13.29 -10.10 12.18
CA VAL B 34 12.49 -10.71 11.14
C VAL B 34 12.12 -9.64 10.12
N MET B 35 12.19 -10.01 8.84
CA MET B 35 11.86 -9.08 7.76
C MET B 35 11.22 -9.85 6.60
N ASN B 36 10.49 -9.11 5.78
CA ASN B 36 9.86 -9.70 4.61
C ASN B 36 10.92 -10.11 3.59
N THR B 37 10.61 -11.16 2.83
CA THR B 37 11.58 -11.72 1.90
C THR B 37 10.85 -12.48 0.82
N GLY B 38 11.31 -12.33 -0.42
CA GLY B 38 10.77 -13.09 -1.52
C GLY B 38 11.45 -14.45 -1.65
N GLY B 39 11.99 -14.73 -2.83
CA GLY B 39 12.71 -15.97 -3.05
C GLY B 39 11.86 -17.03 -3.72
N LYS B 40 12.54 -17.97 -4.36
CA LYS B 40 11.87 -19.05 -5.07
C LYS B 40 12.81 -20.25 -5.24
N ALA B 58 6.77 -13.44 0.21
CA ALA B 58 6.25 -14.80 0.34
C ALA B 58 6.90 -15.52 1.52
N ASN B 59 8.18 -15.21 1.77
CA ASN B 59 8.94 -15.80 2.84
C ASN B 59 9.29 -14.76 3.89
N ILE B 60 9.92 -15.21 4.98
CA ILE B 60 10.43 -14.32 6.01
C ILE B 60 11.85 -14.76 6.34
N LYS B 61 12.64 -13.81 6.85
CA LYS B 61 14.03 -14.06 7.20
C LYS B 61 14.25 -13.67 8.64
N PHE B 62 14.72 -14.61 9.45
CA PHE B 62 15.06 -14.35 10.84
C PHE B 62 16.57 -14.18 10.99
N GLU B 63 16.97 -13.35 11.95
CA GLU B 63 18.38 -13.13 12.26
C GLU B 63 18.51 -13.09 13.78
N ILE B 64 18.94 -14.20 14.36
CA ILE B 64 19.09 -14.33 15.81
C ILE B 64 20.56 -14.40 16.13
N LEU B 65 21.01 -13.51 17.02
CA LEU B 65 22.40 -13.48 17.46
C LEU B 65 22.46 -14.13 18.84
N THR B 66 23.15 -15.25 18.94
CA THR B 66 23.26 -16.02 20.17
C THR B 66 24.69 -15.98 20.68
N GLU B 67 24.83 -15.99 22.00
CA GLU B 67 26.17 -15.89 22.61
C GLU B 67 27.02 -17.10 22.27
N THR B 68 26.43 -18.30 22.26
CA THR B 68 27.16 -19.53 22.04
C THR B 68 26.50 -20.34 20.94
N ARG B 69 27.31 -21.19 20.30
CA ARG B 69 26.81 -22.03 19.21
C ARG B 69 25.81 -23.06 19.71
N GLU B 70 26.04 -23.60 20.92
CA GLU B 70 25.14 -24.61 21.45
C GLU B 70 23.72 -24.09 21.61
N MET B 71 23.56 -22.79 21.84
CA MET B 71 22.23 -22.20 21.96
C MET B 71 21.64 -21.87 20.60
N ALA B 72 22.48 -21.47 19.63
CA ALA B 72 21.98 -21.24 18.28
C ALA B 72 21.46 -22.52 17.64
N GLU B 73 22.18 -23.63 17.85
CA GLU B 73 21.69 -24.91 17.35
C GLU B 73 20.46 -25.39 18.10
N GLU B 74 20.30 -24.97 19.36
CA GLU B 74 19.11 -25.35 20.12
C GLU B 74 17.85 -24.80 19.48
N ILE B 75 17.89 -23.55 19.04
CA ILE B 75 16.76 -22.99 18.29
C ILE B 75 16.62 -23.68 16.94
N ALA B 76 17.75 -24.06 16.33
CA ALA B 76 17.72 -24.71 15.03
C ALA B 76 16.98 -26.04 15.10
N ASP B 77 17.26 -26.85 16.12
CA ASP B 77 16.63 -28.15 16.24
C ASP B 77 15.13 -28.03 16.51
N ARG B 78 14.75 -27.08 17.37
CA ARG B 78 13.34 -26.94 17.75
C ARG B 78 12.47 -26.42 16.62
N VAL B 79 13.05 -25.90 15.54
CA VAL B 79 12.29 -25.44 14.39
C VAL B 79 12.25 -26.49 13.28
N ALA B 80 13.39 -27.14 13.01
CA ALA B 80 13.44 -28.12 11.93
C ALA B 80 12.56 -29.33 12.24
N VAL B 81 12.59 -29.81 13.48
CA VAL B 81 11.80 -30.99 13.82
C VAL B 81 10.33 -30.67 14.05
N LYS B 82 9.96 -29.39 14.05
CA LYS B 82 8.58 -28.98 14.31
C LYS B 82 7.87 -28.46 13.08
N TYR B 83 8.57 -27.81 12.15
CA TYR B 83 7.94 -27.20 10.99
C TYR B 83 8.57 -27.56 9.65
N PHE B 84 9.84 -27.98 9.63
CA PHE B 84 10.50 -28.20 8.34
C PHE B 84 10.02 -29.47 7.66
N ASN B 85 9.40 -30.40 8.39
CA ASN B 85 8.88 -31.61 7.76
C ASN B 85 7.67 -31.30 6.88
N ASP B 86 6.90 -30.28 7.23
CA ASP B 86 5.72 -29.87 6.47
C ASP B 86 5.95 -28.61 5.65
N TYR B 87 6.64 -27.62 6.20
CA TYR B 87 6.93 -26.38 5.51
C TYR B 87 8.33 -26.41 4.91
N ALA B 88 8.63 -25.39 4.11
CA ALA B 88 9.92 -25.29 3.44
C ALA B 88 10.76 -24.19 4.09
N GLY B 89 12.02 -24.51 4.36
CA GLY B 89 12.89 -23.54 5.00
C GLY B 89 14.33 -23.99 4.98
N ILE B 90 15.21 -23.06 5.34
CA ILE B 90 16.65 -23.31 5.42
C ILE B 90 17.22 -22.41 6.50
N ILE B 91 18.06 -22.97 7.36
CA ILE B 91 18.67 -22.24 8.45
C ILE B 91 20.17 -22.46 8.43
N TYR B 92 20.93 -21.38 8.63
CA TYR B 92 22.39 -21.45 8.60
C TYR B 92 22.97 -20.51 9.64
N ILE B 93 24.20 -20.79 10.04
CA ILE B 93 24.90 -20.03 11.07
C ILE B 93 26.09 -19.32 10.45
N CYS B 94 26.21 -18.02 10.72
CA CYS B 94 27.35 -17.22 10.31
C CYS B 94 28.01 -16.62 11.54
N SER B 95 29.34 -16.57 11.55
CA SER B 95 30.08 -16.06 12.69
C SER B 95 30.27 -14.56 12.53
N ALA B 96 29.68 -13.79 13.45
CA ALA B 96 29.77 -12.34 13.44
C ALA B 96 30.15 -11.85 14.82
N GLU B 97 30.89 -10.73 14.86
CA GLU B 97 31.37 -10.14 16.10
C GLU B 97 30.50 -8.95 16.45
N VAL B 98 29.89 -8.99 17.63
CA VAL B 98 29.02 -7.90 18.09
C VAL B 98 29.89 -6.78 18.64
N LEU B 99 29.69 -5.57 18.11
CA LEU B 99 30.47 -4.41 18.54
C LEU B 99 29.79 -3.64 19.65
N TYR B 100 28.57 -3.16 19.41
CA TYR B 100 27.83 -2.40 20.39
C TYR B 100 26.42 -2.96 20.51
N GLY B 101 25.95 -3.07 21.75
CA GLY B 101 24.60 -3.54 22.01
C GLY B 101 24.32 -3.60 23.50
N HIS B 102 23.16 -3.10 23.92
CA HIS B 102 22.83 -3.07 25.33
C HIS B 102 22.20 -4.37 25.80
N THR B 103 21.22 -4.90 25.05
CA THR B 103 20.58 -6.15 25.44
C THR B 103 21.51 -7.33 25.29
N PHE B 104 22.48 -7.27 24.37
CA PHE B 104 23.35 -8.41 24.12
C PHE B 104 24.52 -8.44 25.08
N CYS B 105 25.31 -7.37 25.13
CA CYS B 105 26.55 -7.38 25.91
C CYS B 105 26.31 -7.05 27.37
N GLY B 106 25.37 -7.75 28.00
CA GLY B 106 25.11 -7.61 29.41
C GLY B 106 24.77 -6.19 29.83
N PRO B 107 25.04 -5.86 31.10
CA PRO B 107 24.77 -4.48 31.57
C PRO B 107 25.90 -3.52 31.21
N GLU B 108 27.12 -4.05 31.08
CA GLU B 108 28.28 -3.21 30.76
C GLU B 108 29.30 -4.08 30.08
N GLY B 109 29.55 -3.83 28.80
CA GLY B 109 30.51 -4.63 28.05
C GLY B 109 30.61 -4.16 26.62
N CYS B 110 31.28 -4.96 25.81
CA CYS B 110 31.48 -4.68 24.39
C CYS B 110 32.16 -3.33 24.17
N MET C 1 -6.89 41.73 -33.83
CA MET C 1 -5.57 41.39 -33.32
C MET C 1 -5.70 40.45 -32.12
N ASP C 2 -5.26 39.20 -32.31
CA ASP C 2 -5.34 38.22 -31.24
C ASP C 2 -4.46 38.62 -30.06
N PHE C 3 -4.95 38.35 -28.86
CA PHE C 3 -4.30 38.77 -27.63
C PHE C 3 -3.83 37.57 -26.83
N LEU C 4 -2.72 37.76 -26.10
CA LEU C 4 -2.13 36.76 -25.25
C LEU C 4 -2.60 36.87 -23.80
N SER C 5 -3.51 37.82 -23.52
CA SER C 5 -3.95 38.04 -22.14
C SER C 5 -4.60 36.79 -21.56
N ASN C 6 -5.45 36.11 -22.35
CA ASN C 6 -6.08 34.89 -21.86
C ASN C 6 -5.09 33.75 -21.71
N PHE C 7 -3.94 33.80 -22.39
CA PHE C 7 -2.93 32.78 -22.20
C PHE C 7 -2.34 32.83 -20.80
N LEU C 8 -2.10 34.04 -20.27
CA LEU C 8 -1.55 34.17 -18.93
C LEU C 8 -2.54 33.65 -17.89
N THR C 9 -3.82 33.95 -18.04
CA THR C 9 -4.82 33.40 -17.11
C THR C 9 -4.90 31.88 -17.24
N ASP C 10 -4.84 31.37 -18.47
CA ASP C 10 -4.83 29.92 -18.67
C ASP C 10 -3.54 29.30 -18.14
N PHE C 11 -2.41 30.01 -18.31
CA PHE C 11 -1.16 29.52 -17.75
C PHE C 11 -1.21 29.47 -16.23
N VAL C 12 -1.77 30.51 -15.60
CA VAL C 12 -1.94 30.51 -14.15
C VAL C 12 -2.92 29.42 -13.73
N GLY C 13 -4.00 29.24 -14.49
CA GLY C 13 -4.95 28.19 -14.19
C GLY C 13 -4.31 26.81 -14.22
N GLN C 14 -3.39 26.60 -15.17
CA GLN C 14 -2.63 25.35 -15.19
C GLN C 14 -1.65 25.28 -14.02
N LEU C 15 -1.11 26.42 -13.60
CA LEU C 15 -0.19 26.44 -12.47
C LEU C 15 -0.87 26.08 -11.16
N GLN C 16 -2.15 26.39 -11.01
CA GLN C 16 -2.89 26.11 -9.79
C GLN C 16 -3.65 24.79 -9.84
N SER C 17 -3.67 24.11 -10.98
CA SER C 17 -4.38 22.85 -11.07
C SER C 17 -3.66 21.78 -10.26
N PRO C 18 -4.41 20.83 -9.68
CA PRO C 18 -3.77 19.81 -8.83
C PRO C 18 -2.75 18.95 -9.55
N THR C 19 -2.85 18.81 -10.87
CA THR C 19 -1.86 18.02 -11.60
C THR C 19 -0.49 18.66 -11.56
N LEU C 20 -0.42 19.99 -11.67
CA LEU C 20 0.84 20.72 -11.65
C LEU C 20 1.15 21.32 -10.29
N ALA C 21 0.15 21.70 -9.51
CA ALA C 21 0.40 22.27 -8.18
C ALA C 21 1.07 21.25 -7.28
N PHE C 22 0.61 20.00 -7.30
CA PHE C 22 1.24 18.96 -6.50
C PHE C 22 2.67 18.69 -6.96
N LEU C 23 2.89 18.69 -8.29
CA LEU C 23 4.24 18.50 -8.80
C LEU C 23 5.15 19.63 -8.38
N ILE C 24 4.67 20.87 -8.46
CA ILE C 24 5.46 22.00 -7.97
C ILE C 24 5.56 21.95 -6.46
N GLY C 25 4.47 21.62 -5.78
CA GLY C 25 4.50 21.49 -4.33
C GLY C 25 5.45 20.41 -3.87
N GLY C 26 5.60 19.34 -4.66
CA GLY C 26 6.58 18.32 -4.32
C GLY C 26 8.00 18.84 -4.39
N MET C 27 8.29 19.68 -5.37
CA MET C 27 9.62 20.27 -5.47
C MET C 27 9.91 21.19 -4.29
N VAL C 28 8.91 21.96 -3.87
CA VAL C 28 9.13 22.94 -2.80
C VAL C 28 9.44 22.24 -1.49
N ILE C 29 8.65 21.23 -1.12
CA ILE C 29 8.88 20.56 0.16
C ILE C 29 10.18 19.76 0.12
N ALA C 30 10.50 19.15 -1.02
CA ALA C 30 11.76 18.42 -1.14
C ALA C 30 12.95 19.37 -1.04
N ALA C 31 12.84 20.55 -1.66
CA ALA C 31 13.89 21.55 -1.55
C ALA C 31 14.07 22.00 -0.11
N LEU C 32 12.96 22.18 0.62
CA LEU C 32 13.03 22.54 2.03
C LEU C 32 13.56 21.41 2.90
N GLY C 33 13.67 20.19 2.37
CA GLY C 33 14.28 19.10 3.09
C GLY C 33 13.32 18.23 3.87
N THR C 34 12.15 17.98 3.31
CA THR C 34 11.16 17.15 3.98
C THR C 34 11.62 15.70 4.03
N GLN C 35 11.23 15.01 5.10
CA GLN C 35 11.47 13.58 5.23
C GLN C 35 10.25 12.75 4.82
N LEU C 36 9.21 13.41 4.30
CA LEU C 36 8.03 12.68 3.84
C LEU C 36 8.39 11.83 2.64
N VAL C 37 8.11 10.54 2.72
CA VAL C 37 8.35 9.60 1.62
C VAL C 37 7.08 8.81 1.39
N ILE C 38 6.75 8.59 0.12
CA ILE C 38 5.65 7.72 -0.26
C ILE C 38 6.20 6.31 -0.45
N PRO C 39 5.68 5.31 0.26
CA PRO C 39 6.30 3.97 0.19
C PRO C 39 6.24 3.39 -1.21
N GLU C 40 7.24 2.56 -1.51
CA GLU C 40 7.35 1.98 -2.85
C GLU C 40 6.16 1.09 -3.18
N ALA C 41 5.55 0.46 -2.18
CA ALA C 41 4.37 -0.36 -2.41
C ALA C 41 3.22 0.48 -2.94
N ILE C 42 3.02 1.66 -2.37
CA ILE C 42 1.95 2.54 -2.84
C ILE C 42 2.26 3.08 -4.23
N SER C 43 3.53 3.44 -4.48
CA SER C 43 3.90 3.96 -5.78
C SER C 43 3.70 2.93 -6.88
N THR C 44 3.98 1.66 -6.60
CA THR C 44 3.79 0.61 -7.58
C THR C 44 2.31 0.45 -7.95
N ILE C 45 1.42 0.48 -6.94
CA ILE C 45 0.01 0.30 -7.21
C ILE C 45 -0.63 1.55 -7.80
N ILE C 46 -0.04 2.73 -7.57
CA ILE C 46 -0.57 3.93 -8.21
C ILE C 46 -0.32 3.88 -9.72
N VAL C 47 0.88 3.43 -10.12
CA VAL C 47 1.21 3.35 -11.53
C VAL C 47 0.29 2.37 -12.24
N PHE C 48 0.01 1.23 -11.62
CA PHE C 48 -0.90 0.26 -12.22
C PHE C 48 -2.31 0.83 -12.33
N MET C 49 -2.79 1.53 -11.30
CA MET C 49 -4.14 2.04 -11.31
C MET C 49 -4.30 3.24 -12.22
N LEU C 50 -3.25 4.05 -12.39
CA LEU C 50 -3.34 5.20 -13.27
C LEU C 50 -3.37 4.80 -14.73
N LEU C 51 -2.64 3.73 -15.09
CA LEU C 51 -2.58 3.29 -16.47
C LEU C 51 -3.67 2.31 -16.84
N THR C 52 -4.24 1.60 -15.86
CA THR C 52 -5.41 0.77 -16.16
C THR C 52 -6.60 1.64 -16.56
N LYS C 53 -6.80 2.77 -15.88
CA LYS C 53 -7.85 3.68 -16.27
C LYS C 53 -7.63 4.24 -17.67
N ILE C 54 -6.37 4.55 -17.99
CA ILE C 54 -6.04 4.99 -19.35
C ILE C 54 -6.32 3.88 -20.34
N GLY C 55 -5.97 2.65 -20.00
CA GLY C 55 -6.29 1.52 -20.86
C GLY C 55 -7.78 1.24 -20.92
N LEU C 56 -8.47 1.35 -19.79
CA LEU C 56 -9.90 1.07 -19.76
C LEU C 56 -10.68 2.06 -20.61
N THR C 57 -10.36 3.35 -20.48
CA THR C 57 -11.03 4.35 -21.30
C THR C 57 -10.55 4.33 -22.75
N GLY C 58 -9.38 3.73 -23.00
CA GLY C 58 -8.91 3.56 -24.36
C GLY C 58 -9.46 2.34 -25.06
N GLY C 59 -10.14 1.47 -24.33
CA GLY C 59 -10.78 0.31 -24.92
C GLY C 59 -12.28 0.48 -25.03
N MET C 60 -12.88 1.06 -23.99
CA MET C 60 -14.31 1.34 -24.01
C MET C 60 -14.67 2.41 -25.03
N ALA C 61 -13.69 3.13 -25.57
CA ALA C 61 -13.93 4.12 -26.62
C ALA C 61 -13.62 3.60 -28.01
N ILE C 62 -12.68 2.65 -28.13
CA ILE C 62 -12.41 2.06 -29.44
C ILE C 62 -13.57 1.20 -29.93
N ARG C 63 -14.24 0.48 -29.04
CA ARG C 63 -15.35 -0.37 -29.45
C ARG C 63 -16.67 0.37 -29.55
N ASN C 64 -16.81 1.53 -28.90
CA ASN C 64 -18.04 2.31 -28.96
C ASN C 64 -18.04 3.34 -30.08
N SER C 65 -16.95 3.49 -30.82
CA SER C 65 -16.83 4.51 -31.84
C SER C 65 -16.53 3.88 -33.19
N ASN C 66 -16.86 4.62 -34.25
CA ASN C 66 -16.62 4.15 -35.60
C ASN C 66 -15.13 4.09 -35.88
N LEU C 67 -14.65 2.94 -36.36
CA LEU C 67 -13.22 2.79 -36.62
C LEU C 67 -12.79 3.57 -37.85
N THR C 68 -13.69 3.75 -38.82
CA THR C 68 -13.35 4.50 -40.02
C THR C 68 -13.02 5.96 -39.71
N GLU C 69 -13.73 6.57 -38.76
CA GLU C 69 -13.49 7.97 -38.44
C GLU C 69 -12.18 8.18 -37.70
N MET C 70 -11.74 7.21 -36.91
CA MET C 70 -10.58 7.37 -36.04
C MET C 70 -9.28 6.83 -36.64
N LEU C 71 -9.33 6.19 -37.82
CA LEU C 71 -8.14 5.54 -38.34
C LEU C 71 -7.05 6.56 -38.68
N LEU C 72 -7.43 7.72 -39.21
CA LEU C 72 -6.41 8.69 -39.63
C LEU C 72 -5.71 9.35 -38.45
N PRO C 73 -6.44 9.88 -37.44
CA PRO C 73 -5.73 10.38 -36.25
C PRO C 73 -4.91 9.32 -35.55
N VAL C 74 -5.37 8.07 -35.54
CA VAL C 74 -4.58 6.99 -34.95
C VAL C 74 -3.34 6.73 -35.80
N ALA C 75 -3.49 6.77 -37.12
CA ALA C 75 -2.34 6.60 -38.00
C ALA C 75 -1.32 7.72 -37.81
N PHE C 76 -1.81 8.94 -37.62
CA PHE C 76 -0.90 10.07 -37.41
C PHE C 76 -0.13 9.94 -36.10
N SER C 77 -0.75 9.37 -35.06
CA SER C 77 -0.05 9.16 -33.80
C SER C 77 1.12 8.22 -33.97
N VAL C 78 0.95 7.16 -34.76
CA VAL C 78 2.04 6.22 -34.99
C VAL C 78 3.19 6.90 -35.70
N ILE C 79 2.90 7.68 -36.75
CA ILE C 79 3.97 8.39 -37.45
C ILE C 79 4.60 9.45 -36.56
N LEU C 80 3.79 10.09 -35.70
CA LEU C 80 4.30 11.15 -34.84
C LEU C 80 5.31 10.61 -33.83
N GLY C 81 4.99 9.48 -33.19
CA GLY C 81 5.91 8.93 -32.22
C GLY C 81 7.24 8.52 -32.82
N ILE C 82 7.20 7.93 -34.02
CA ILE C 82 8.42 7.53 -34.70
C ILE C 82 9.20 8.76 -35.17
N LEU C 83 8.49 9.78 -35.66
CA LEU C 83 9.18 10.94 -36.21
C LEU C 83 9.91 11.72 -35.13
N ILE C 84 9.32 11.82 -33.92
CA ILE C 84 9.95 12.60 -32.85
C ILE C 84 11.27 11.98 -32.45
N VAL C 85 11.32 10.64 -32.35
CA VAL C 85 12.56 9.97 -31.96
C VAL C 85 13.66 10.25 -32.98
N PHE C 86 13.32 10.23 -34.27
CA PHE C 86 14.32 10.50 -35.30
C PHE C 86 14.72 11.96 -35.32
N ILE C 87 13.85 12.87 -34.87
CA ILE C 87 14.22 14.28 -34.79
C ILE C 87 15.36 14.46 -33.80
N ALA C 88 15.27 13.80 -32.64
CA ALA C 88 16.36 13.88 -31.67
C ALA C 88 17.62 13.20 -32.18
N ARG C 89 17.48 12.26 -33.13
CA ARG C 89 18.65 11.60 -33.70
C ARG C 89 19.46 12.55 -34.57
N PHE C 90 18.81 13.48 -35.27
CA PHE C 90 19.50 14.41 -36.15
C PHE C 90 19.61 15.82 -35.60
N THR C 91 18.99 16.12 -34.46
CA THR C 91 19.06 17.44 -33.86
C THR C 91 19.81 17.44 -32.54
N LEU C 92 19.40 16.62 -31.58
CA LEU C 92 20.06 16.60 -30.28
C LEU C 92 21.31 15.74 -30.26
N ALA C 93 21.36 14.70 -31.09
CA ALA C 93 22.46 13.76 -31.10
C ALA C 93 23.69 14.27 -31.83
N LYS C 94 23.65 15.51 -32.33
CA LYS C 94 24.78 16.09 -33.04
C LYS C 94 25.41 17.27 -32.32
N LEU C 95 25.08 17.46 -31.04
CA LEU C 95 25.65 18.56 -30.28
C LEU C 95 27.09 18.22 -29.88
N PRO C 96 27.90 19.25 -29.52
CA PRO C 96 29.30 19.00 -29.17
C PRO C 96 29.54 17.83 -28.22
N ASN C 97 28.92 17.86 -27.04
CA ASN C 97 29.11 16.81 -26.04
C ASN C 97 27.75 16.24 -25.67
N VAL C 98 27.27 15.30 -26.48
CA VAL C 98 26.02 14.59 -26.23
C VAL C 98 26.17 13.18 -26.75
N ARG C 99 25.98 12.19 -25.87
CA ARG C 99 26.08 10.80 -26.30
C ARG C 99 24.86 10.41 -27.12
N THR C 100 25.12 9.78 -28.28
CA THR C 100 24.01 9.37 -29.14
C THR C 100 23.13 8.34 -28.46
N VAL C 101 23.70 7.54 -27.56
CA VAL C 101 22.90 6.58 -26.80
C VAL C 101 21.91 7.32 -25.89
N ASP C 102 22.37 8.39 -25.25
CA ASP C 102 21.47 9.16 -24.39
C ASP C 102 20.49 9.99 -25.20
N ALA C 103 20.92 10.50 -26.37
CA ALA C 103 20.02 11.31 -27.19
C ALA C 103 18.84 10.50 -27.71
N LEU C 104 19.09 9.24 -28.12
CA LEU C 104 18.00 8.38 -28.54
C LEU C 104 17.07 8.06 -27.38
N ALA C 105 17.64 7.88 -26.18
CA ALA C 105 16.83 7.54 -25.02
C ALA C 105 15.90 8.69 -24.64
N THR C 106 16.41 9.92 -24.64
CA THR C 106 15.55 11.05 -24.31
C THR C 106 14.59 11.39 -25.45
N GLY C 107 14.98 11.10 -26.69
CA GLY C 107 14.04 11.25 -27.79
C GLY C 107 12.87 10.28 -27.70
N GLY C 108 13.11 9.08 -27.21
CA GLY C 108 12.03 8.12 -27.03
C GLY C 108 11.02 8.55 -25.98
N LEU C 109 11.50 9.14 -24.88
CA LEU C 109 10.60 9.61 -23.84
C LEU C 109 9.79 10.82 -24.32
N PHE C 110 10.42 11.71 -25.08
CA PHE C 110 9.71 12.88 -25.58
C PHE C 110 8.74 12.52 -26.71
N GLY C 111 9.05 11.47 -27.48
CA GLY C 111 8.10 10.98 -28.45
C GLY C 111 6.95 10.21 -27.86
N ALA C 112 7.10 9.70 -26.65
CA ALA C 112 6.07 8.91 -25.99
C ALA C 112 5.02 9.84 -25.38
N VAL C 113 4.08 9.28 -24.66
CA VAL C 113 2.93 10.09 -24.19
C VAL C 113 2.98 10.14 -22.69
N SER C 114 2.37 11.18 -22.10
CA SER C 114 2.35 11.34 -20.62
C SER C 114 0.90 11.34 -20.12
N GLY C 115 0.59 10.45 -19.18
CA GLY C 115 -0.78 10.35 -18.62
C GLY C 115 -1.14 11.56 -17.79
N SER C 116 -0.13 12.19 -17.16
CA SER C 116 -0.36 13.39 -16.31
C SER C 116 -0.64 14.61 -17.20
N THR C 117 -0.07 14.63 -18.41
CA THR C 117 -0.28 15.74 -19.33
C THR C 117 -1.51 15.52 -20.20
N MET C 118 -1.73 14.30 -20.66
CA MET C 118 -2.93 14.00 -21.44
C MET C 118 -4.19 14.16 -20.60
N ALA C 119 -4.14 13.72 -19.33
CA ALA C 119 -5.30 13.87 -18.45
C ALA C 119 -5.56 15.34 -18.13
N ALA C 120 -4.52 16.17 -18.12
CA ALA C 120 -4.72 17.59 -17.90
C ALA C 120 -5.30 18.28 -19.13
N ALA C 121 -4.99 17.78 -20.33
CA ALA C 121 -5.56 18.37 -21.54
C ALA C 121 -7.07 18.12 -21.61
N LEU C 122 -7.50 16.90 -21.29
CA LEU C 122 -8.93 16.60 -21.28
C LEU C 122 -9.65 17.41 -20.22
N THR C 123 -9.05 17.54 -19.03
CA THR C 123 -9.67 18.32 -17.97
C THR C 123 -9.77 19.80 -18.35
N THR C 124 -8.71 20.36 -18.94
CA THR C 124 -8.74 21.76 -19.32
C THR C 124 -9.68 22.01 -20.49
N LEU C 125 -9.80 21.05 -21.41
CA LEU C 125 -10.70 21.23 -22.55
C LEU C 125 -12.15 21.31 -22.11
N GLU C 126 -12.57 20.44 -21.20
CA GLU C 126 -13.96 20.47 -20.74
C GLU C 126 -14.22 21.66 -19.84
N GLU C 127 -13.21 22.14 -19.11
CA GLU C 127 -13.39 23.37 -18.34
C GLU C 127 -13.56 24.58 -19.26
N SER C 128 -13.00 24.51 -20.47
CA SER C 128 -13.22 25.53 -21.48
C SER C 128 -14.40 25.21 -22.38
N LYS C 129 -15.12 24.12 -22.11
CA LYS C 129 -16.29 23.71 -22.88
C LYS C 129 -15.95 23.53 -24.36
N ILE C 130 -14.83 22.87 -24.63
CA ILE C 130 -14.42 22.52 -25.98
C ILE C 130 -14.63 21.03 -26.16
N SER C 131 -15.50 20.66 -27.09
CA SER C 131 -15.84 19.26 -27.30
C SER C 131 -14.70 18.54 -28.00
N TYR C 132 -14.34 17.36 -27.49
CA TYR C 132 -13.32 16.53 -28.09
C TYR C 132 -13.85 15.12 -28.28
N GLU C 133 -13.23 14.40 -29.21
CA GLU C 133 -13.65 13.02 -29.48
C GLU C 133 -13.47 12.16 -28.24
N ALA C 134 -14.48 11.35 -27.94
CA ALA C 134 -14.44 10.52 -26.74
C ALA C 134 -13.32 9.50 -26.77
N TRP C 135 -12.82 9.15 -27.96
CA TRP C 135 -11.73 8.19 -28.09
C TRP C 135 -10.36 8.87 -28.17
N ALA C 136 -10.30 10.19 -27.91
CA ALA C 136 -9.00 10.86 -27.88
C ALA C 136 -8.11 10.30 -26.80
N GLY C 137 -8.70 9.73 -25.74
CA GLY C 137 -7.92 9.05 -24.71
C GLY C 137 -7.38 7.70 -25.13
N ALA C 138 -7.80 7.18 -26.28
CA ALA C 138 -7.30 5.93 -26.81
C ALA C 138 -6.05 6.11 -27.66
N LEU C 139 -5.58 7.34 -27.84
CA LEU C 139 -4.37 7.59 -28.60
C LEU C 139 -3.10 7.36 -27.78
N TYR C 140 -3.25 7.10 -26.50
CA TYR C 140 -2.05 6.89 -25.70
C TYR C 140 -1.29 5.69 -26.25
N PRO C 141 -1.82 4.46 -26.36
CA PRO C 141 -0.96 3.34 -26.76
C PRO C 141 -0.39 3.48 -28.16
N PHE C 142 -1.07 4.20 -29.05
CA PHE C 142 -0.65 4.27 -30.44
C PHE C 142 0.51 5.22 -30.67
N MET C 143 0.84 6.06 -29.69
CA MET C 143 2.03 6.92 -29.75
C MET C 143 3.11 6.51 -28.77
N ASP C 144 2.72 6.06 -27.57
CA ASP C 144 3.70 5.66 -26.57
C ASP C 144 4.50 4.45 -27.04
N ILE C 145 3.82 3.38 -27.45
CA ILE C 145 4.51 2.14 -27.81
C ILE C 145 5.43 2.33 -29.03
N PRO C 146 4.98 2.91 -30.13
CA PRO C 146 5.92 3.12 -31.26
C PRO C 146 7.10 4.00 -30.90
N ALA C 147 6.93 4.96 -29.99
CA ALA C 147 8.04 5.85 -29.64
C ALA C 147 9.09 5.13 -28.81
N LEU C 148 8.66 4.37 -27.80
CA LEU C 148 9.62 3.63 -26.99
C LEU C 148 10.35 2.56 -27.81
N VAL C 149 9.61 1.84 -28.66
CA VAL C 149 10.22 0.79 -29.45
C VAL C 149 11.22 1.37 -30.45
N THR C 150 10.88 2.51 -31.05
CA THR C 150 11.79 3.12 -32.02
C THR C 150 13.10 3.52 -31.36
N ALA C 151 13.04 4.08 -30.14
CA ALA C 151 14.27 4.47 -29.45
C ALA C 151 15.14 3.27 -29.16
N ILE C 152 14.55 2.16 -28.71
CA ILE C 152 15.33 0.97 -28.40
C ILE C 152 15.92 0.38 -29.67
N VAL C 153 15.15 0.33 -30.75
CA VAL C 153 15.62 -0.30 -31.98
C VAL C 153 16.75 0.52 -32.60
N VAL C 154 16.57 1.84 -32.70
CA VAL C 154 17.57 2.69 -33.35
C VAL C 154 18.85 2.74 -32.52
N ALA C 155 18.73 2.85 -31.21
CA ALA C 155 19.91 2.92 -30.36
C ALA C 155 20.71 1.61 -30.41
N ASN C 156 20.02 0.47 -30.39
CA ASN C 156 20.72 -0.80 -30.46
C ASN C 156 21.43 -0.97 -31.79
N ILE C 157 20.80 -0.53 -32.89
CA ILE C 157 21.44 -0.60 -34.20
C ILE C 157 22.70 0.27 -34.22
N TYR C 158 22.61 1.47 -33.63
CA TYR C 158 23.79 2.33 -33.54
C TYR C 158 24.88 1.68 -32.70
N LEU C 159 24.50 1.02 -31.61
CA LEU C 159 25.48 0.35 -30.76
C LEU C 159 26.18 -0.78 -31.49
N ASN C 160 25.44 -1.54 -32.30
CA ASN C 160 26.03 -2.67 -33.01
C ASN C 160 27.08 -2.22 -34.02
N LYS C 161 26.92 -1.02 -34.57
CA LYS C 161 27.92 -0.49 -35.50
C LYS C 161 29.26 -0.31 -34.81
N ARG C 162 29.25 0.18 -33.57
CA ARG C 162 30.46 0.26 -32.76
C ARG C 162 30.82 -1.06 -32.11
N LYS C 163 29.95 -2.06 -32.21
CA LYS C 163 30.20 -3.39 -31.66
C LYS C 163 30.46 -3.35 -30.15
N VAL C 209 19.37 -5.18 -33.30
CA VAL C 209 18.97 -5.60 -34.63
C VAL C 209 17.60 -6.28 -34.58
N LYS C 210 17.46 -7.23 -33.66
CA LYS C 210 16.20 -7.94 -33.52
C LYS C 210 15.12 -7.01 -32.98
N ILE C 211 13.97 -7.01 -33.63
CA ILE C 211 12.88 -6.10 -33.25
C ILE C 211 11.89 -6.78 -32.33
N TRP C 212 11.48 -8.01 -32.64
CA TRP C 212 10.47 -8.69 -31.84
C TRP C 212 10.89 -8.91 -30.39
N PRO C 213 12.09 -9.42 -30.09
CA PRO C 213 12.49 -9.51 -28.67
C PRO C 213 12.50 -8.16 -27.97
N ILE C 214 12.85 -7.09 -28.69
CA ILE C 214 12.79 -5.75 -28.11
C ILE C 214 11.34 -5.37 -27.81
N ILE C 215 10.43 -5.67 -28.73
CA ILE C 215 9.03 -5.31 -28.53
C ILE C 215 8.42 -6.10 -27.37
N GLU C 216 8.64 -7.42 -27.36
CA GLU C 216 7.98 -8.26 -26.37
C GLU C 216 8.50 -8.00 -24.97
N GLU C 217 9.80 -7.73 -24.82
CA GLU C 217 10.34 -7.42 -23.50
C GLU C 217 9.85 -6.06 -23.01
N SER C 218 9.79 -5.08 -23.90
CA SER C 218 9.25 -3.77 -23.54
C SER C 218 7.77 -3.84 -23.22
N LEU C 219 7.01 -4.61 -24.00
CA LEU C 219 5.56 -4.63 -23.87
C LEU C 219 5.08 -5.40 -22.64
N GLN C 220 5.85 -6.37 -22.17
CA GLN C 220 5.43 -7.21 -21.05
C GLN C 220 5.90 -6.67 -19.70
N GLY C 221 6.63 -5.58 -19.68
CA GLY C 221 7.05 -4.97 -18.44
C GLY C 221 5.89 -4.31 -17.74
N PRO C 222 6.09 -3.92 -16.47
CA PRO C 222 5.03 -3.21 -15.76
C PRO C 222 4.81 -1.83 -16.37
N ALA C 223 3.62 -1.29 -16.10
CA ALA C 223 3.21 0.05 -16.55
C ALA C 223 2.95 0.07 -18.05
N LEU C 224 3.22 -1.04 -18.73
CA LEU C 224 2.85 -1.20 -20.14
C LEU C 224 1.93 -2.38 -20.37
N SER C 225 2.12 -3.47 -19.64
CA SER C 225 1.16 -4.57 -19.68
C SER C 225 -0.10 -4.24 -18.89
N ALA C 226 -0.01 -3.33 -17.92
CA ALA C 226 -1.20 -2.89 -17.21
C ALA C 226 -2.14 -2.15 -18.15
N MET C 227 -1.59 -1.32 -19.04
CA MET C 227 -2.43 -0.62 -20.01
C MET C 227 -3.05 -1.59 -21.00
N LEU C 228 -2.28 -2.57 -21.47
CA LEU C 228 -2.82 -3.56 -22.40
C LEU C 228 -3.90 -4.39 -21.72
N LEU C 229 -3.73 -4.70 -20.43
CA LEU C 229 -4.80 -5.36 -19.70
C LEU C 229 -6.05 -4.48 -19.67
N GLY C 230 -5.88 -3.18 -19.43
CA GLY C 230 -7.00 -2.28 -19.51
C GLY C 230 -7.57 -2.17 -20.91
N LEU C 231 -6.70 -2.21 -21.92
CA LEU C 231 -7.16 -2.15 -23.31
C LEU C 231 -8.00 -3.36 -23.67
N ALA C 232 -7.51 -4.56 -23.35
CA ALA C 232 -8.22 -5.78 -23.72
C ALA C 232 -9.56 -5.89 -23.00
N LEU C 233 -9.60 -5.51 -21.73
CA LEU C 233 -10.85 -5.57 -20.98
C LEU C 233 -11.88 -4.59 -21.53
N GLY C 234 -11.44 -3.39 -21.91
CA GLY C 234 -12.37 -2.41 -22.44
C GLY C 234 -12.98 -2.81 -23.77
N ILE C 235 -12.15 -3.34 -24.68
CA ILE C 235 -12.62 -3.67 -26.02
C ILE C 235 -13.60 -4.83 -25.99
N PHE C 236 -13.28 -5.88 -25.22
CA PHE C 236 -14.08 -7.10 -25.22
C PHE C 236 -15.10 -7.15 -24.09
N THR C 237 -14.65 -7.00 -22.85
CA THR C 237 -15.53 -7.14 -21.70
C THR C 237 -16.33 -5.85 -21.49
N LYS C 238 -17.02 -5.76 -20.36
CA LYS C 238 -17.85 -4.60 -20.02
C LYS C 238 -17.45 -4.13 -18.63
N PRO C 239 -16.33 -3.43 -18.49
CA PRO C 239 -15.85 -3.02 -17.17
C PRO C 239 -16.45 -1.71 -16.71
N GLU C 240 -17.55 -1.28 -17.34
CA GLU C 240 -18.14 0.01 -17.00
C GLU C 240 -18.51 0.09 -15.52
N SER C 241 -18.97 -1.02 -14.94
CA SER C 241 -19.35 -1.01 -13.53
C SER C 241 -18.14 -0.74 -12.63
N VAL C 242 -16.99 -1.32 -12.96
CA VAL C 242 -15.78 -1.14 -12.14
C VAL C 242 -14.96 0.06 -12.57
N TYR C 243 -15.24 0.64 -13.75
CA TYR C 243 -14.47 1.77 -14.24
C TYR C 243 -14.95 3.08 -13.64
N GLU C 244 -16.26 3.33 -13.65
CA GLU C 244 -16.80 4.59 -13.14
C GLU C 244 -16.98 4.58 -11.63
N GLY C 245 -16.67 3.47 -10.96
CA GLY C 245 -16.81 3.41 -9.52
C GLY C 245 -15.49 3.34 -8.78
N PHE C 246 -14.46 2.76 -9.42
CA PHE C 246 -13.17 2.58 -8.77
C PHE C 246 -11.98 2.98 -9.61
N TYR C 247 -12.12 3.16 -10.92
CA TYR C 247 -10.98 3.56 -11.74
C TYR C 247 -11.06 4.99 -12.23
N ASP C 248 -12.25 5.48 -12.54
CA ASP C 248 -12.43 6.86 -12.96
C ASP C 248 -12.46 7.85 -11.79
N PRO C 249 -13.30 7.65 -10.75
CA PRO C 249 -13.51 8.73 -9.77
C PRO C 249 -12.24 9.19 -9.06
N LEU C 250 -11.32 8.29 -8.75
CA LEU C 250 -10.09 8.64 -8.06
C LEU C 250 -8.85 8.41 -8.92
N PHE C 251 -9.00 8.46 -10.24
CA PHE C 251 -7.85 8.48 -11.12
C PHE C 251 -7.06 9.78 -10.97
N ARG C 252 -7.77 10.92 -11.03
CA ARG C 252 -7.10 12.20 -10.86
C ARG C 252 -6.65 12.43 -9.43
N GLY C 253 -7.30 11.80 -8.45
CA GLY C 253 -6.82 11.89 -7.08
C GLY C 253 -5.49 11.16 -6.89
N LEU C 254 -5.39 9.94 -7.40
CA LEU C 254 -4.13 9.20 -7.34
C LEU C 254 -3.05 9.84 -8.19
N LEU C 255 -3.44 10.57 -9.23
CA LEU C 255 -2.48 11.28 -10.05
C LEU C 255 -1.74 12.33 -9.24
N SER C 256 -2.45 13.02 -8.34
CA SER C 256 -1.82 14.06 -7.53
C SER C 256 -0.74 13.49 -6.64
N ILE C 257 -0.97 12.30 -6.07
CA ILE C 257 0.05 11.67 -5.24
C ILE C 257 1.28 11.32 -6.09
N LEU C 258 1.05 10.79 -7.30
CA LEU C 258 2.17 10.44 -8.17
C LEU C 258 2.95 11.68 -8.59
N MET C 259 2.26 12.77 -8.90
CA MET C 259 2.95 14.01 -9.25
C MET C 259 3.76 14.53 -8.08
N LEU C 260 3.27 14.33 -6.86
CA LEU C 260 4.06 14.69 -5.68
C LEU C 260 5.33 13.86 -5.60
N ILE C 261 5.24 12.56 -5.90
CA ILE C 261 6.42 11.71 -5.92
C ILE C 261 7.41 12.19 -6.97
N MET C 262 6.90 12.48 -8.17
CA MET C 262 7.77 12.98 -9.24
C MET C 262 8.34 14.36 -8.88
N GLY C 263 7.51 15.21 -8.27
CA GLY C 263 8.00 16.53 -7.88
C GLY C 263 9.08 16.47 -6.81
N MET C 264 8.90 15.60 -5.81
CA MET C 264 9.91 15.48 -4.77
C MET C 264 11.23 14.95 -5.31
N GLU C 265 11.18 13.95 -6.18
CA GLU C 265 12.39 13.40 -6.76
C GLU C 265 12.96 14.28 -7.87
N ALA C 266 12.15 15.17 -8.46
CA ALA C 266 12.65 16.07 -9.48
C ALA C 266 13.68 17.03 -8.94
N TRP C 267 13.66 17.32 -7.64
CA TRP C 267 14.70 18.16 -7.05
C TRP C 267 16.05 17.48 -7.12
N SER C 268 16.09 16.16 -6.85
CA SER C 268 17.35 15.43 -6.95
C SER C 268 17.85 15.37 -8.40
N ARG C 269 16.94 15.15 -9.34
CA ARG C 269 17.34 15.12 -10.75
C ARG C 269 17.83 16.48 -11.21
N ILE C 270 17.19 17.55 -10.75
CA ILE C 270 17.68 18.90 -11.02
C ILE C 270 19.02 19.09 -10.30
N GLY C 271 20.01 19.58 -11.03
CA GLY C 271 21.38 19.64 -10.55
C GLY C 271 22.17 18.44 -10.98
N GLU C 272 21.56 17.25 -10.91
CA GLU C 272 22.15 16.07 -11.53
C GLU C 272 22.05 16.12 -13.05
N LEU C 273 21.06 16.85 -13.57
CA LEU C 273 20.96 17.11 -15.01
C LEU C 273 21.89 18.22 -15.47
N ARG C 274 22.42 19.02 -14.54
CA ARG C 274 23.35 20.09 -14.88
C ARG C 274 24.79 19.61 -14.97
N LYS C 275 25.04 18.33 -14.77
CA LYS C 275 26.39 17.78 -14.81
C LYS C 275 26.64 16.91 -16.03
N VAL C 276 25.65 16.69 -16.87
CA VAL C 276 25.81 15.87 -18.08
C VAL C 276 26.10 16.73 -19.31
N ALA C 277 25.22 17.68 -19.61
CA ALA C 277 25.40 18.58 -20.74
C ALA C 277 24.46 19.75 -20.58
N GLN C 278 24.75 20.83 -21.29
CA GLN C 278 23.90 22.01 -21.28
C GLN C 278 22.81 21.98 -22.33
N TRP C 279 22.80 20.97 -23.20
CA TRP C 279 21.84 20.90 -24.29
C TRP C 279 20.61 20.06 -23.96
N TYR C 280 20.62 19.32 -22.85
CA TYR C 280 19.43 18.61 -22.41
C TYR C 280 18.42 19.52 -21.76
N VAL C 281 18.82 20.73 -21.37
CA VAL C 281 17.88 21.72 -20.86
C VAL C 281 17.30 22.55 -21.99
N VAL C 282 18.12 22.93 -22.97
CA VAL C 282 17.61 23.66 -24.13
C VAL C 282 16.64 22.79 -24.92
N TYR C 283 16.98 21.52 -25.11
CA TYR C 283 16.08 20.62 -25.84
C TYR C 283 14.77 20.42 -25.11
N SER C 284 14.83 20.07 -23.82
CA SER C 284 13.62 19.79 -23.06
C SER C 284 12.73 21.02 -22.90
N LEU C 285 13.26 22.21 -23.14
CA LEU C 285 12.47 23.43 -23.09
C LEU C 285 11.78 23.76 -24.40
N ILE C 286 12.41 23.43 -25.53
CA ILE C 286 11.93 23.85 -26.84
C ILE C 286 11.24 22.69 -27.55
N ALA C 287 11.68 21.47 -27.28
CA ALA C 287 11.11 20.31 -27.96
C ALA C 287 9.60 20.17 -27.76
N PRO C 288 9.05 20.31 -26.55
CA PRO C 288 7.58 20.24 -26.43
C PRO C 288 6.85 21.26 -27.29
N ILE C 289 7.41 22.46 -27.45
CA ILE C 289 6.79 23.45 -28.32
C ILE C 289 6.90 23.03 -29.78
N VAL C 290 8.07 22.51 -30.18
CA VAL C 290 8.25 22.09 -31.57
C VAL C 290 7.44 20.84 -31.87
N HIS C 291 7.45 19.87 -30.95
CA HIS C 291 6.70 18.64 -31.18
C HIS C 291 5.20 18.90 -31.25
N GLY C 292 4.70 19.79 -30.40
CA GLY C 292 3.27 20.10 -30.43
C GLY C 292 2.85 20.82 -31.70
N PHE C 293 3.67 21.74 -32.18
CA PHE C 293 3.32 22.49 -33.38
C PHE C 293 3.31 21.62 -34.62
N ILE C 294 4.19 20.62 -34.68
CA ILE C 294 4.12 19.65 -35.77
C ILE C 294 2.86 18.80 -35.64
N ALA C 295 2.53 18.41 -34.41
CA ALA C 295 1.30 17.65 -34.17
C ALA C 295 0.06 18.46 -34.55
N PHE C 296 0.06 19.75 -34.21
CA PHE C 296 -1.08 20.60 -34.55
C PHE C 296 -1.26 20.70 -36.06
N GLY C 297 -0.15 20.83 -36.80
CA GLY C 297 -0.25 20.88 -38.25
C GLY C 297 -0.78 19.58 -38.84
N LEU C 298 -0.30 18.44 -38.31
CA LEU C 298 -0.84 17.16 -38.75
C LEU C 298 -2.29 16.98 -38.30
N GLY C 299 -2.63 17.53 -37.13
CA GLY C 299 -4.00 17.42 -36.65
C GLY C 299 -5.00 18.14 -37.55
N MET C 300 -4.59 19.29 -38.10
CA MET C 300 -5.48 20.02 -38.99
C MET C 300 -5.69 19.28 -40.31
N ILE C 301 -4.74 18.45 -40.72
CA ILE C 301 -4.93 17.63 -41.92
C ILE C 301 -6.11 16.68 -41.72
N ALA C 302 -6.16 16.04 -40.54
CA ALA C 302 -7.30 15.20 -40.20
C ALA C 302 -8.56 16.03 -39.97
N HIS C 303 -8.42 17.28 -39.55
CA HIS C 303 -9.59 18.13 -39.33
C HIS C 303 -10.29 18.48 -40.65
N TYR C 304 -9.56 18.46 -41.76
CA TYR C 304 -10.14 18.71 -43.07
C TYR C 304 -10.45 17.43 -43.84
N ALA C 305 -9.56 16.43 -43.78
CA ALA C 305 -9.82 15.17 -44.45
C ALA C 305 -11.02 14.44 -43.83
N THR C 306 -11.09 14.44 -42.50
CA THR C 306 -12.21 13.80 -41.81
C THR C 306 -12.89 14.78 -40.87
N GLY C 307 -13.81 14.30 -40.04
CA GLY C 307 -14.52 15.17 -39.12
C GLY C 307 -13.85 15.26 -37.76
N PHE C 308 -12.52 15.37 -37.75
CA PHE C 308 -11.79 15.49 -36.50
C PHE C 308 -12.03 16.86 -35.90
N SER C 309 -12.56 16.91 -34.68
CA SER C 309 -12.96 18.16 -34.07
C SER C 309 -11.74 19.01 -33.72
N LEU C 310 -11.96 20.32 -33.70
CA LEU C 310 -10.89 21.25 -33.35
C LEU C 310 -10.42 21.06 -31.91
N GLY C 311 -11.26 20.51 -31.05
CA GLY C 311 -10.82 20.13 -29.72
C GLY C 311 -10.13 18.79 -29.64
N GLY C 312 -10.10 18.05 -30.75
CA GLY C 312 -9.39 16.79 -30.80
C GLY C 312 -7.95 16.95 -31.25
N VAL C 313 -7.68 18.00 -32.02
CA VAL C 313 -6.29 18.27 -32.40
C VAL C 313 -5.52 18.83 -31.23
N VAL C 314 -6.20 19.42 -30.24
CA VAL C 314 -5.52 19.86 -29.02
C VAL C 314 -4.98 18.65 -28.26
N VAL C 315 -5.78 17.59 -28.16
CA VAL C 315 -5.29 16.37 -27.52
C VAL C 315 -4.13 15.78 -28.32
N LEU C 316 -4.28 15.73 -29.65
CA LEU C 316 -3.20 15.23 -30.48
C LEU C 316 -1.95 16.10 -30.38
N ALA C 317 -2.12 17.40 -30.23
CA ALA C 317 -0.97 18.28 -30.06
C ALA C 317 -0.35 18.12 -28.68
N VAL C 318 -1.17 18.08 -27.64
CA VAL C 318 -0.66 17.93 -26.28
C VAL C 318 -0.06 16.55 -26.08
N ILE C 319 -0.68 15.52 -26.67
CA ILE C 319 -0.17 14.16 -26.54
C ILE C 319 1.21 14.00 -27.15
N ALA C 320 1.58 14.88 -28.09
CA ALA C 320 2.90 14.84 -28.69
C ALA C 320 3.90 15.71 -27.94
N ALA C 321 3.45 16.85 -27.41
CA ALA C 321 4.33 17.69 -26.60
C ALA C 321 4.68 17.04 -25.28
N SER C 322 3.82 16.16 -24.78
CA SER C 322 4.07 15.51 -23.49
C SER C 322 5.26 14.57 -23.58
N SER C 323 6.02 14.50 -22.49
CA SER C 323 7.15 13.59 -22.36
C SER C 323 6.83 12.55 -21.31
N SER C 324 6.96 11.28 -21.67
CA SER C 324 6.54 10.20 -20.77
C SER C 324 7.39 10.18 -19.51
N ASP C 325 6.73 9.91 -18.38
CA ASP C 325 7.43 9.83 -17.11
C ASP C 325 6.95 8.68 -16.23
N ILE C 326 6.02 7.85 -16.69
CA ILE C 326 5.53 6.70 -15.93
C ILE C 326 5.94 5.39 -16.59
N SER C 327 5.52 5.17 -17.83
CA SER C 327 5.88 3.97 -18.58
C SER C 327 7.08 4.16 -19.49
N GLY C 328 7.69 5.34 -19.48
CA GLY C 328 8.82 5.63 -20.34
C GLY C 328 10.16 5.23 -19.77
N PRO C 329 10.53 5.78 -18.61
CA PRO C 329 11.84 5.49 -18.03
C PRO C 329 12.07 4.01 -17.80
N PRO C 330 11.15 3.27 -17.16
CA PRO C 330 11.42 1.85 -16.95
C PRO C 330 11.58 1.05 -18.23
N THR C 331 10.86 1.41 -19.29
CA THR C 331 11.00 0.69 -20.56
C THR C 331 12.35 0.97 -21.20
N LEU C 332 12.80 2.23 -21.19
CA LEU C 332 14.09 2.55 -21.78
C LEU C 332 15.24 2.03 -20.92
N ARG C 333 15.03 1.92 -19.61
CA ARG C 333 16.08 1.40 -18.74
C ARG C 333 16.39 -0.05 -19.06
N ALA C 334 15.36 -0.86 -19.32
CA ALA C 334 15.57 -2.25 -19.70
C ALA C 334 15.83 -2.44 -21.18
N GLY C 335 15.63 -1.40 -21.99
CA GLY C 335 15.87 -1.51 -23.42
C GLY C 335 17.21 -0.96 -23.84
N ILE C 336 17.61 0.15 -23.23
CA ILE C 336 18.92 0.75 -23.49
C ILE C 336 19.65 0.92 -22.17
N PRO C 337 20.24 -0.16 -21.62
CA PRO C 337 20.97 -0.03 -20.35
C PRO C 337 22.15 0.92 -20.42
N SER C 338 22.80 1.01 -21.58
CA SER C 338 23.98 1.87 -21.71
C SER C 338 23.65 3.35 -21.64
N ALA C 339 22.38 3.72 -21.76
CA ALA C 339 21.98 5.13 -21.67
C ALA C 339 21.99 5.59 -20.23
N ASN C 340 22.46 6.81 -20.02
CA ASN C 340 22.52 7.38 -18.68
C ASN C 340 21.12 7.68 -18.19
N PRO C 341 20.65 7.06 -17.10
CA PRO C 341 19.28 7.33 -16.63
C PRO C 341 19.20 8.60 -15.79
N SER C 342 19.89 9.63 -16.24
CA SER C 342 19.79 10.96 -15.66
C SER C 342 19.65 12.06 -16.69
N ALA C 343 20.08 11.84 -17.93
CA ALA C 343 19.90 12.79 -19.01
C ALA C 343 18.60 12.58 -19.78
N TYR C 344 17.88 11.50 -19.51
CA TYR C 344 16.59 11.26 -20.16
C TYR C 344 15.43 11.09 -19.19
N ILE C 345 15.68 10.78 -17.92
CA ILE C 345 14.64 10.83 -16.90
C ILE C 345 14.52 12.22 -16.31
N GLY C 346 15.66 12.85 -16.00
CA GLY C 346 15.64 14.20 -15.48
C GLY C 346 15.30 15.25 -16.50
N SER C 347 15.47 14.95 -17.78
CA SER C 347 15.14 15.88 -18.85
C SER C 347 13.70 15.73 -19.33
N SER C 348 12.96 14.74 -18.83
CA SER C 348 11.57 14.54 -19.21
C SER C 348 10.60 14.60 -18.04
N THR C 349 11.06 14.36 -16.80
CA THR C 349 10.21 14.46 -15.62
C THR C 349 10.35 15.82 -14.95
N ALA C 350 11.56 16.38 -14.94
CA ALA C 350 11.79 17.65 -14.26
C ALA C 350 11.48 18.84 -15.15
N ILE C 351 11.84 18.77 -16.43
CA ILE C 351 11.64 19.89 -17.34
C ILE C 351 10.67 19.52 -18.46
N GLY C 352 10.63 18.23 -18.81
CA GLY C 352 9.78 17.81 -19.91
C GLY C 352 8.30 17.94 -19.62
N THR C 353 7.89 17.54 -18.41
CA THR C 353 6.47 17.54 -18.05
C THR C 353 5.96 18.92 -17.67
N PRO C 354 6.64 19.68 -16.80
CA PRO C 354 6.10 21.01 -16.44
C PRO C 354 5.95 21.94 -17.63
N ILE C 355 6.86 21.87 -18.61
CA ILE C 355 6.72 22.71 -19.79
C ILE C 355 5.55 22.23 -20.66
N ALA C 356 5.43 20.91 -20.84
CA ALA C 356 4.35 20.37 -21.65
C ALA C 356 2.99 20.48 -20.98
N ILE C 357 2.95 20.79 -19.68
CA ILE C 357 1.69 20.87 -18.94
C ILE C 357 1.38 22.29 -18.50
N GLY C 358 2.34 23.21 -18.54
CA GLY C 358 2.10 24.57 -18.11
C GLY C 358 2.23 25.58 -19.23
N VAL C 359 3.07 25.29 -20.22
CA VAL C 359 3.28 26.20 -21.33
C VAL C 359 2.70 25.68 -22.63
N CYS C 360 2.50 24.36 -22.76
CA CYS C 360 1.95 23.81 -23.99
C CYS C 360 0.43 23.76 -23.99
N ILE C 361 -0.18 23.28 -22.90
CA ILE C 361 -1.64 23.19 -22.84
C ILE C 361 -2.31 24.55 -23.00
N PRO C 362 -1.93 25.60 -22.27
CA PRO C 362 -2.52 26.92 -22.53
C PRO C 362 -2.24 27.45 -23.92
N LEU C 363 -1.09 27.09 -24.51
CA LEU C 363 -0.75 27.61 -25.83
C LEU C 363 -1.64 27.01 -26.92
N PHE C 364 -1.81 25.68 -26.89
CA PHE C 364 -2.59 25.03 -27.94
C PHE C 364 -4.09 25.26 -27.77
N ILE C 365 -4.58 25.27 -26.53
CA ILE C 365 -5.98 25.60 -26.30
C ILE C 365 -6.27 27.03 -26.73
N GLY C 366 -5.36 27.95 -26.40
CA GLY C 366 -5.47 29.30 -26.92
C GLY C 366 -5.37 29.35 -28.44
N LEU C 367 -4.55 28.48 -29.02
CA LEU C 367 -4.47 28.41 -30.47
C LEU C 367 -5.75 27.86 -31.08
N ALA C 368 -6.37 26.88 -30.41
CA ALA C 368 -7.63 26.34 -30.91
C ALA C 368 -8.76 27.36 -30.80
N GLN C 369 -8.78 28.12 -29.70
CA GLN C 369 -9.83 29.12 -29.52
C GLN C 369 -9.76 30.21 -30.58
N THR C 370 -8.55 30.66 -30.92
CA THR C 370 -8.39 31.68 -31.94
C THR C 370 -8.48 31.14 -33.35
N LEU C 371 -8.55 29.82 -33.51
CA LEU C 371 -8.65 29.19 -34.83
C LEU C 371 -10.07 28.73 -35.16
N GLY C 372 -10.95 28.61 -34.18
CA GLY C 372 -12.30 28.17 -34.43
C GLY C 372 -13.12 28.00 -33.17
N ALA C 373 -13.85 26.89 -33.08
CA ALA C 373 -14.71 26.66 -31.94
C ALA C 373 -13.89 26.43 -30.68
N GLY C 374 -14.36 26.99 -29.57
CA GLY C 374 -13.68 26.85 -28.30
C GLY C 374 -14.57 27.11 -27.11
N ALA D 2 27.75 -29.65 10.80
CA ALA D 2 27.02 -28.95 9.74
C ALA D 2 27.67 -29.18 8.38
N LYS D 3 27.19 -28.46 7.38
CA LYS D 3 27.72 -28.55 6.03
C LYS D 3 28.22 -27.17 5.59
N PRO D 4 29.50 -27.03 5.26
CA PRO D 4 30.00 -25.71 4.85
C PRO D 4 29.33 -25.23 3.56
N ALA D 5 29.18 -23.91 3.46
CA ALA D 5 28.58 -23.32 2.28
C ALA D 5 29.11 -21.91 2.11
N ASN D 6 28.94 -21.37 0.91
CA ASN D 6 29.34 -19.99 0.60
C ASN D 6 28.09 -19.19 0.31
N LYS D 7 27.93 -18.08 1.04
CA LYS D 7 26.75 -17.22 0.91
C LYS D 7 27.09 -16.08 -0.04
N LEU D 8 26.66 -16.20 -1.28
CA LEU D 8 26.87 -15.17 -2.28
C LEU D 8 25.73 -14.17 -2.21
N VAL D 9 26.05 -12.90 -2.04
CA VAL D 9 25.07 -11.83 -1.92
C VAL D 9 25.21 -10.91 -3.13
N ILE D 10 24.11 -10.72 -3.85
CA ILE D 10 24.07 -9.87 -5.03
C ILE D 10 23.12 -8.72 -4.76
N VAL D 11 23.64 -7.50 -4.80
CA VAL D 11 22.85 -6.28 -4.62
C VAL D 11 22.88 -5.51 -5.92
N THR D 12 21.71 -5.34 -6.54
CA THR D 12 21.60 -4.71 -7.85
C THR D 12 20.37 -3.82 -7.87
N GLU D 13 19.99 -3.39 -9.06
CA GLU D 13 18.78 -2.60 -9.23
C GLU D 13 17.57 -3.51 -9.39
N LYS D 14 16.39 -2.97 -9.06
CA LYS D 14 15.17 -3.77 -9.09
C LYS D 14 14.77 -4.18 -10.50
N ILE D 15 15.23 -3.47 -11.53
CA ILE D 15 14.88 -3.82 -12.90
C ILE D 15 15.45 -5.17 -13.30
N LEU D 16 16.50 -5.63 -12.62
CA LEU D 16 17.17 -6.88 -12.96
C LEU D 16 16.71 -8.05 -12.10
N LEU D 17 15.55 -7.92 -11.44
CA LEU D 17 15.06 -9.01 -10.60
C LEU D 17 14.75 -10.24 -11.42
N LYS D 18 14.11 -10.07 -12.58
CA LYS D 18 13.74 -11.19 -13.43
C LYS D 18 14.85 -11.66 -14.33
N LYS D 19 15.92 -10.89 -14.47
CA LYS D 19 17.03 -11.28 -15.34
C LYS D 19 18.13 -11.99 -14.58
N ILE D 20 18.47 -11.52 -13.38
CA ILE D 20 19.50 -12.19 -12.58
C ILE D 20 18.99 -13.55 -12.11
N ALA D 21 17.71 -13.64 -11.75
CA ALA D 21 17.14 -14.90 -11.30
C ALA D 21 17.28 -15.99 -12.36
N LYS D 22 17.25 -15.62 -13.64
CA LYS D 22 17.50 -16.60 -14.70
C LYS D 22 18.93 -17.13 -14.63
N ILE D 23 19.89 -16.26 -14.35
CA ILE D 23 21.28 -16.69 -14.25
C ILE D 23 21.47 -17.61 -13.05
N ILE D 24 20.80 -17.30 -11.94
CA ILE D 24 20.93 -18.13 -10.73
C ILE D 24 20.35 -19.52 -10.98
N ASP D 25 19.18 -19.59 -11.61
CA ASP D 25 18.55 -20.89 -11.85
C ASP D 25 19.31 -21.70 -12.90
N GLU D 26 19.79 -21.04 -13.96
CA GLU D 26 20.56 -21.74 -14.98
C GLU D 26 21.89 -22.25 -14.46
N SER D 27 22.38 -21.73 -13.35
CA SER D 27 23.66 -22.14 -12.78
C SER D 27 23.54 -23.33 -11.85
N GLY D 28 22.33 -23.86 -11.63
CA GLY D 28 22.14 -24.99 -10.76
C GLY D 28 22.00 -24.66 -9.29
N ALA D 29 21.81 -23.39 -8.95
CA ALA D 29 21.62 -23.02 -7.55
C ALA D 29 20.30 -23.57 -7.02
N LYS D 30 20.34 -24.22 -5.87
CA LYS D 30 19.16 -24.86 -5.30
C LYS D 30 18.39 -23.85 -4.45
N GLY D 31 17.83 -22.87 -5.14
CA GLY D 31 17.03 -21.84 -4.49
C GLY D 31 17.82 -20.62 -4.09
N TYR D 32 17.26 -19.44 -4.32
CA TYR D 32 17.88 -18.18 -3.95
C TYR D 32 16.99 -17.45 -2.94
N THR D 33 17.38 -16.22 -2.62
CA THR D 33 16.65 -15.44 -1.62
C THR D 33 16.76 -13.97 -2.01
N VAL D 34 15.69 -13.44 -2.60
CA VAL D 34 15.66 -12.06 -3.05
C VAL D 34 14.78 -11.24 -2.12
N MET D 35 15.18 -9.99 -1.88
CA MET D 35 14.42 -9.11 -1.01
C MET D 35 14.70 -7.67 -1.41
N ASN D 36 13.76 -6.80 -1.06
CA ASN D 36 13.85 -5.40 -1.45
C ASN D 36 14.88 -4.67 -0.59
N THR D 37 15.25 -3.47 -1.04
CA THR D 37 16.21 -2.64 -0.34
C THR D 37 15.86 -1.19 -0.60
N GLY D 38 15.82 -0.39 0.47
CA GLY D 38 15.36 0.98 0.37
C GLY D 38 16.42 1.96 -0.08
N GLY D 39 16.23 3.23 0.24
CA GLY D 39 17.09 4.30 -0.20
C GLY D 39 16.46 5.10 -1.34
N LYS D 40 16.77 6.38 -1.37
CA LYS D 40 16.21 7.29 -2.38
C LYS D 40 17.13 8.48 -2.62
N ALA D 58 15.70 1.77 -4.09
CA ALA D 58 15.12 1.01 -5.19
C ALA D 58 16.07 -0.08 -5.66
N ASN D 59 16.67 -0.79 -4.71
CA ASN D 59 17.59 -1.87 -4.99
C ASN D 59 16.99 -3.20 -4.54
N ILE D 60 17.68 -4.29 -4.88
CA ILE D 60 17.31 -5.63 -4.46
C ILE D 60 18.55 -6.32 -3.91
N LYS D 61 18.33 -7.29 -3.04
CA LYS D 61 19.41 -8.05 -2.41
C LYS D 61 19.15 -9.52 -2.64
N PHE D 62 20.13 -10.20 -3.24
CA PHE D 62 20.07 -11.64 -3.44
C PHE D 62 20.92 -12.34 -2.40
N GLU D 63 20.53 -13.56 -2.05
CA GLU D 63 21.29 -14.39 -1.11
C GLU D 63 21.25 -15.82 -1.64
N ILE D 64 22.35 -16.24 -2.26
CA ILE D 64 22.47 -17.56 -2.85
C ILE D 64 23.48 -18.35 -2.05
N LEU D 65 23.07 -19.53 -1.58
CA LEU D 65 23.95 -20.41 -0.81
C LEU D 65 24.44 -21.52 -1.73
N THR D 66 25.75 -21.56 -1.96
CA THR D 66 26.37 -22.53 -2.85
C THR D 66 27.28 -23.45 -2.06
N GLU D 67 27.37 -24.71 -2.49
CA GLU D 67 28.19 -25.68 -1.78
C GLU D 67 29.67 -25.32 -1.82
N THR D 68 30.14 -24.85 -2.97
CA THR D 68 31.56 -24.57 -3.16
C THR D 68 31.75 -23.18 -3.73
N ARG D 69 32.95 -22.63 -3.52
CA ARG D 69 33.27 -21.30 -4.02
C ARG D 69 33.30 -21.28 -5.55
N GLU D 70 33.75 -22.36 -6.17
CA GLU D 70 33.83 -22.40 -7.63
C GLU D 70 32.46 -22.23 -8.27
N MET D 71 31.40 -22.62 -7.58
CA MET D 71 30.05 -22.45 -8.09
C MET D 71 29.46 -21.08 -7.77
N ALA D 72 29.85 -20.49 -6.64
CA ALA D 72 29.41 -19.13 -6.33
C ALA D 72 30.06 -18.12 -7.27
N GLU D 73 31.32 -18.33 -7.62
CA GLU D 73 31.99 -17.43 -8.55
C GLU D 73 31.42 -17.55 -9.96
N GLU D 74 30.89 -18.73 -10.31
CA GLU D 74 30.29 -18.90 -11.63
C GLU D 74 29.06 -17.99 -11.79
N ILE D 75 28.24 -17.89 -10.74
CA ILE D 75 27.12 -16.96 -10.76
C ILE D 75 27.63 -15.52 -10.74
N ALA D 76 28.69 -15.27 -9.97
CA ALA D 76 29.26 -13.92 -9.91
C ALA D 76 29.82 -13.50 -11.27
N ASP D 77 30.49 -14.43 -11.96
CA ASP D 77 31.08 -14.12 -13.25
C ASP D 77 30.01 -13.75 -14.28
N ARG D 78 28.91 -14.51 -14.31
CA ARG D 78 27.89 -14.34 -15.34
C ARG D 78 26.99 -13.14 -15.10
N VAL D 79 27.05 -12.51 -13.93
CA VAL D 79 26.25 -11.33 -13.64
C VAL D 79 27.05 -10.05 -13.81
N ALA D 80 28.30 -10.03 -13.33
CA ALA D 80 29.10 -8.82 -13.40
C ALA D 80 29.47 -8.47 -14.84
N VAL D 81 29.84 -9.46 -15.65
CA VAL D 81 30.22 -9.19 -17.03
C VAL D 81 29.03 -8.96 -17.94
N LYS D 82 27.81 -9.15 -17.43
CA LYS D 82 26.60 -9.00 -18.24
C LYS D 82 25.79 -7.75 -17.90
N TYR D 83 25.79 -7.30 -16.65
CA TYR D 83 24.98 -6.17 -16.24
C TYR D 83 25.74 -5.09 -15.49
N PHE D 84 26.88 -5.40 -14.85
CA PHE D 84 27.55 -4.41 -14.02
C PHE D 84 28.24 -3.33 -14.83
N ASN D 85 28.46 -3.55 -16.13
CA ASN D 85 29.04 -2.51 -16.95
C ASN D 85 28.08 -1.36 -17.18
N ASP D 86 26.78 -1.65 -17.25
CA ASP D 86 25.75 -0.64 -17.44
C ASP D 86 25.01 -0.30 -16.15
N TYR D 87 24.68 -1.30 -15.35
CA TYR D 87 24.00 -1.10 -14.08
C TYR D 87 25.01 -1.04 -12.94
N ALA D 88 24.51 -0.67 -11.76
CA ALA D 88 25.34 -0.51 -10.57
C ALA D 88 25.03 -1.64 -9.58
N GLY D 89 26.07 -2.23 -9.02
CA GLY D 89 25.87 -3.31 -8.07
C GLY D 89 27.17 -3.73 -7.43
N ILE D 90 27.04 -4.54 -6.39
CA ILE D 90 28.18 -5.10 -5.66
C ILE D 90 27.80 -6.50 -5.19
N ILE D 91 28.72 -7.44 -5.32
CA ILE D 91 28.50 -8.82 -4.91
C ILE D 91 29.68 -9.30 -4.07
N TYR D 92 29.37 -10.03 -3.00
CA TYR D 92 30.40 -10.50 -2.08
C TYR D 92 30.01 -11.87 -1.54
N ILE D 93 31.02 -12.60 -1.07
CA ILE D 93 30.86 -13.96 -0.57
C ILE D 93 31.14 -13.98 0.92
N CYS D 94 30.23 -14.60 1.68
CA CYS D 94 30.39 -14.81 3.11
C CYS D 94 30.32 -16.30 3.41
N SER D 95 31.12 -16.77 4.36
CA SER D 95 31.19 -18.18 4.69
C SER D 95 30.18 -18.49 5.80
N ALA D 96 29.19 -19.32 5.47
CA ALA D 96 28.16 -19.71 6.43
C ALA D 96 27.97 -21.23 6.36
N GLU D 97 27.62 -21.81 7.50
CA GLU D 97 27.40 -23.25 7.60
C GLU D 97 25.91 -23.53 7.63
N VAL D 98 25.44 -24.37 6.72
CA VAL D 98 24.03 -24.72 6.64
C VAL D 98 23.72 -25.79 7.67
N LEU D 99 22.73 -25.51 8.54
CA LEU D 99 22.36 -26.44 9.60
C LEU D 99 21.26 -27.40 9.14
N TYR D 100 20.12 -26.85 8.71
CA TYR D 100 18.98 -27.64 8.28
C TYR D 100 18.47 -27.12 6.94
N GLY D 101 18.14 -28.04 6.04
CA GLY D 101 17.59 -27.67 4.75
C GLY D 101 17.31 -28.89 3.90
N HIS D 102 16.15 -28.92 3.26
CA HIS D 102 15.77 -30.05 2.43
C HIS D 102 16.29 -29.92 1.01
N THR D 103 16.09 -28.74 0.40
CA THR D 103 16.59 -28.53 -0.96
C THR D 103 18.12 -28.52 -1.00
N PHE D 104 18.76 -28.11 0.09
CA PHE D 104 20.21 -27.99 0.11
C PHE D 104 20.88 -29.32 0.45
N CYS D 105 20.55 -29.88 1.62
CA CYS D 105 21.23 -31.08 2.13
C CYS D 105 20.52 -32.37 1.73
N GLY D 106 20.21 -32.52 0.45
CA GLY D 106 19.62 -33.73 -0.08
C GLY D 106 18.36 -34.15 0.65
N PRO D 107 18.03 -35.45 0.56
CA PRO D 107 16.84 -35.95 1.26
C PRO D 107 17.08 -36.18 2.74
N GLU D 108 18.34 -36.48 3.10
CA GLU D 108 18.70 -36.70 4.49
C GLU D 108 20.16 -36.34 4.66
N GLY D 109 20.44 -35.24 5.36
CA GLY D 109 21.82 -34.81 5.54
C GLY D 109 21.87 -33.62 6.47
N CYS D 110 23.05 -33.00 6.52
CA CYS D 110 23.30 -31.83 7.36
C CYS D 110 23.01 -32.13 8.82
N MET E 1 -30.14 24.47 33.85
CA MET E 1 -28.95 23.80 34.32
C MET E 1 -28.58 22.63 33.42
N ASP E 2 -27.32 22.21 33.45
CA ASP E 2 -26.85 21.11 32.63
C ASP E 2 -27.49 19.80 33.06
N PHE E 3 -27.82 18.96 32.08
CA PHE E 3 -28.44 17.67 32.31
C PHE E 3 -27.65 16.55 31.67
N LEU E 4 -27.58 15.42 32.37
CA LEU E 4 -26.85 14.25 31.93
C LEU E 4 -27.73 13.19 31.27
N SER E 5 -29.04 13.41 31.20
CA SER E 5 -29.93 12.45 30.57
C SER E 5 -29.60 12.29 29.09
N ASN E 6 -29.41 13.40 28.38
CA ASN E 6 -29.01 13.34 26.98
C ASN E 6 -27.50 13.11 26.83
N PHE E 7 -26.72 13.36 27.88
CA PHE E 7 -25.29 13.10 27.80
C PHE E 7 -24.99 11.61 27.64
N LEU E 8 -25.72 10.76 28.37
CA LEU E 8 -25.52 9.32 28.23
C LEU E 8 -25.90 8.84 26.84
N THR E 9 -26.99 9.36 26.28
CA THR E 9 -27.35 9.03 24.92
C THR E 9 -26.31 9.56 23.94
N ASP E 10 -25.79 10.77 24.19
CA ASP E 10 -24.74 11.32 23.35
C ASP E 10 -23.42 10.58 23.55
N PHE E 11 -23.15 10.14 24.78
CA PHE E 11 -21.94 9.34 25.03
C PHE E 11 -21.99 8.03 24.28
N VAL E 12 -23.15 7.38 24.26
CA VAL E 12 -23.30 6.13 23.53
C VAL E 12 -23.14 6.37 22.03
N GLY E 13 -23.68 7.47 21.53
CA GLY E 13 -23.52 7.79 20.12
C GLY E 13 -22.07 7.93 19.71
N GLN E 14 -21.24 8.50 20.59
CA GLN E 14 -19.81 8.53 20.33
C GLN E 14 -19.20 7.13 20.44
N LEU E 15 -19.72 6.30 21.35
CA LEU E 15 -19.23 4.94 21.49
C LEU E 15 -19.52 4.08 20.28
N GLN E 16 -20.52 4.45 19.48
CA GLN E 16 -20.90 3.67 18.30
C GLN E 16 -20.39 4.26 17.00
N SER E 17 -19.85 5.48 17.01
CA SER E 17 -19.34 6.08 15.80
C SER E 17 -18.10 5.33 15.32
N PRO E 18 -17.88 5.26 14.00
CA PRO E 18 -16.74 4.49 13.48
C PRO E 18 -15.39 5.00 13.96
N THR E 19 -15.29 6.27 14.34
CA THR E 19 -14.01 6.80 14.81
C THR E 19 -13.60 6.14 16.12
N LEU E 20 -14.55 5.89 17.01
CA LEU E 20 -14.27 5.26 18.30
C LEU E 20 -14.60 3.77 18.32
N ALA E 21 -15.60 3.32 17.54
CA ALA E 21 -15.91 1.91 17.51
C ALA E 21 -14.76 1.08 16.95
N PHE E 22 -14.11 1.58 15.90
CA PHE E 22 -12.95 0.88 15.35
C PHE E 22 -11.79 0.88 16.33
N LEU E 23 -11.57 2.00 17.03
CA LEU E 23 -10.52 2.07 18.03
C LEU E 23 -10.77 1.08 19.16
N ILE E 24 -12.02 0.99 19.63
CA ILE E 24 -12.36 0.00 20.64
C ILE E 24 -12.35 -1.40 20.02
N GLY E 25 -12.85 -1.52 18.79
CA GLY E 25 -12.83 -2.82 18.11
C GLY E 25 -11.42 -3.35 17.89
N GLY E 26 -10.47 -2.45 17.66
CA GLY E 26 -9.08 -2.88 17.56
C GLY E 26 -8.54 -3.44 18.86
N MET E 27 -8.94 -2.85 19.98
CA MET E 27 -8.53 -3.37 21.28
C MET E 27 -9.07 -4.77 21.52
N VAL E 28 -10.32 -5.01 21.13
CA VAL E 28 -10.95 -6.30 21.41
C VAL E 28 -10.27 -7.41 20.62
N ILE E 29 -10.04 -7.20 19.32
CA ILE E 29 -9.42 -8.25 18.52
C ILE E 29 -7.97 -8.46 18.94
N ALA E 30 -7.25 -7.39 19.28
CA ALA E 30 -5.88 -7.54 19.75
C ALA E 30 -5.84 -8.28 21.09
N ALA E 31 -6.79 -8.00 21.97
CA ALA E 31 -6.86 -8.72 23.24
C ALA E 31 -7.14 -10.20 23.00
N LEU E 32 -8.03 -10.50 22.06
CA LEU E 32 -8.33 -11.89 21.72
C LEU E 32 -7.19 -12.59 20.99
N GLY E 33 -6.17 -11.85 20.56
CA GLY E 33 -4.99 -12.44 19.99
C GLY E 33 -5.06 -12.63 18.48
N THR E 34 -5.60 -11.63 17.78
CA THR E 34 -5.68 -11.71 16.33
C THR E 34 -4.29 -11.61 15.71
N GLN E 35 -4.11 -12.32 14.61
CA GLN E 35 -2.89 -12.24 13.82
C GLN E 35 -2.98 -11.23 12.69
N LEU E 36 -4.12 -10.54 12.57
CA LEU E 36 -4.27 -9.53 11.53
C LEU E 36 -3.31 -8.38 11.78
N VAL E 37 -2.60 -7.96 10.72
CA VAL E 37 -1.71 -6.81 10.77
C VAL E 37 -1.97 -5.95 9.55
N ILE E 38 -1.99 -4.64 9.76
CA ILE E 38 -2.07 -3.67 8.67
C ILE E 38 -0.65 -3.35 8.21
N PRO E 39 -0.31 -3.56 6.95
CA PRO E 39 1.08 -3.37 6.51
C PRO E 39 1.56 -1.94 6.74
N GLU E 40 2.84 -1.81 7.06
CA GLU E 40 3.40 -0.50 7.39
C GLU E 40 3.35 0.44 6.19
N ALA E 41 3.38 -0.09 4.97
CA ALA E 41 3.27 0.76 3.79
C ALA E 41 1.91 1.44 3.74
N ILE E 42 0.85 0.72 4.08
CA ILE E 42 -0.48 1.33 4.10
C ILE E 42 -0.60 2.33 5.23
N SER E 43 -0.01 2.03 6.39
CA SER E 43 -0.06 2.96 7.51
C SER E 43 0.66 4.27 7.19
N THR E 44 1.77 4.19 6.45
CA THR E 44 2.51 5.39 6.08
C THR E 44 1.68 6.28 5.16
N ILE E 45 1.00 5.69 4.18
CA ILE E 45 0.21 6.49 3.25
C ILE E 45 -1.12 6.95 3.85
N ILE E 46 -1.62 6.26 4.87
CA ILE E 46 -2.82 6.74 5.56
C ILE E 46 -2.51 8.00 6.34
N VAL E 47 -1.37 8.03 7.03
CA VAL E 47 -1.00 9.21 7.81
C VAL E 47 -0.82 10.42 6.90
N PHE E 48 -0.17 10.23 5.75
CA PHE E 48 0.00 11.34 4.81
C PHE E 48 -1.34 11.82 4.27
N MET E 49 -2.24 10.89 3.95
CA MET E 49 -3.51 11.26 3.34
C MET E 49 -4.49 11.87 4.34
N LEU E 50 -4.44 11.43 5.60
CA LEU E 50 -5.32 12.01 6.61
C LEU E 50 -4.96 13.46 6.90
N LEU E 51 -3.66 13.77 6.94
CA LEU E 51 -3.22 15.11 7.26
C LEU E 51 -3.22 16.05 6.07
N THR E 52 -3.05 15.52 4.85
CA THR E 52 -3.18 16.37 3.67
C THR E 52 -4.60 16.93 3.56
N LYS E 53 -5.60 16.09 3.84
CA LYS E 53 -6.98 16.59 3.88
C LYS E 53 -7.15 17.62 4.98
N ILE E 54 -6.55 17.39 6.14
CA ILE E 54 -6.61 18.37 7.22
C ILE E 54 -5.93 19.66 6.81
N GLY E 55 -4.78 19.55 6.15
CA GLY E 55 -4.12 20.74 5.62
C GLY E 55 -4.90 21.38 4.50
N LEU E 56 -5.49 20.57 3.62
CA LEU E 56 -6.27 21.12 2.52
C LEU E 56 -7.50 21.85 3.01
N THR E 57 -8.30 21.20 3.87
CA THR E 57 -9.51 21.83 4.38
C THR E 57 -9.20 23.04 5.26
N GLY E 58 -7.98 23.12 5.79
CA GLY E 58 -7.53 24.31 6.49
C GLY E 58 -6.89 25.35 5.60
N GLY E 59 -6.77 25.07 4.31
CA GLY E 59 -6.22 26.02 3.38
C GLY E 59 -7.29 26.69 2.54
N MET E 60 -8.25 25.91 2.05
CA MET E 60 -9.37 26.48 1.32
C MET E 60 -10.33 27.24 2.23
N ALA E 61 -10.15 27.14 3.54
CA ALA E 61 -10.98 27.86 4.50
C ALA E 61 -10.33 29.13 5.00
N ILE E 62 -9.00 29.21 5.00
CA ILE E 62 -8.32 30.41 5.47
C ILE E 62 -8.25 31.47 4.37
N ARG E 63 -8.30 31.08 3.11
CA ARG E 63 -8.31 32.04 2.01
C ARG E 63 -9.71 32.46 1.60
N ASN E 64 -10.73 31.68 1.92
CA ASN E 64 -12.10 32.03 1.59
C ASN E 64 -12.80 32.83 2.67
N SER E 65 -12.16 33.02 3.83
CA SER E 65 -12.77 33.71 4.95
C SER E 65 -11.96 34.95 5.32
N ASN E 66 -12.63 35.89 5.98
CA ASN E 66 -11.98 37.11 6.41
C ASN E 66 -10.96 36.81 7.49
N LEU E 67 -9.73 37.30 7.31
CA LEU E 67 -8.67 37.03 8.28
C LEU E 67 -8.92 37.74 9.60
N THR E 68 -9.47 38.96 9.55
CA THR E 68 -9.71 39.71 10.78
C THR E 68 -10.73 39.06 11.68
N GLU E 69 -11.60 38.19 11.14
CA GLU E 69 -12.59 37.51 11.94
C GLU E 69 -12.02 36.29 12.66
N MET E 70 -10.89 35.75 12.19
CA MET E 70 -10.32 34.52 12.73
C MET E 70 -8.91 34.73 13.29
N LEU E 71 -8.61 35.93 13.78
CA LEU E 71 -7.30 36.16 14.37
C LEU E 71 -7.28 35.94 15.87
N LEU E 72 -8.40 36.17 16.56
CA LEU E 72 -8.43 35.98 18.01
C LEU E 72 -8.56 34.49 18.36
N PRO E 73 -9.46 33.73 17.72
CA PRO E 73 -9.44 32.27 17.96
C PRO E 73 -8.12 31.62 17.58
N VAL E 74 -7.45 32.10 16.54
CA VAL E 74 -6.14 31.56 16.19
C VAL E 74 -5.11 31.96 17.24
N ALA E 75 -5.15 33.22 17.70
CA ALA E 75 -4.25 33.64 18.77
C ALA E 75 -4.52 32.88 20.05
N PHE E 76 -5.75 32.41 20.25
CA PHE E 76 -6.06 31.60 21.42
C PHE E 76 -5.52 30.19 21.28
N SER E 77 -5.56 29.62 20.06
CA SER E 77 -5.01 28.29 19.84
C SER E 77 -3.50 28.28 20.08
N VAL E 78 -2.79 29.30 19.62
CA VAL E 78 -1.36 29.40 19.87
C VAL E 78 -1.08 29.54 21.35
N ILE E 79 -1.87 30.37 22.04
CA ILE E 79 -1.68 30.55 23.48
C ILE E 79 -2.01 29.26 24.21
N LEU E 80 -3.05 28.55 23.78
CA LEU E 80 -3.50 27.35 24.49
C LEU E 80 -2.49 26.23 24.37
N GLY E 81 -1.92 26.02 23.18
CA GLY E 81 -0.95 24.96 23.01
C GLY E 81 0.27 25.14 23.89
N ILE E 82 0.76 26.38 24.01
CA ILE E 82 1.89 26.66 24.88
C ILE E 82 1.49 26.50 26.35
N LEU E 83 0.28 26.95 26.70
CA LEU E 83 -0.15 26.91 28.09
C LEU E 83 -0.29 25.48 28.61
N ILE E 84 -0.81 24.57 27.76
CA ILE E 84 -1.03 23.19 28.20
C ILE E 84 0.30 22.51 28.53
N VAL E 85 1.33 22.75 27.72
CA VAL E 85 2.62 22.14 27.95
C VAL E 85 3.20 22.61 29.29
N PHE E 86 3.08 23.90 29.58
CA PHE E 86 3.60 24.42 30.83
C PHE E 86 2.78 23.94 32.03
N ILE E 87 1.51 23.61 31.83
CA ILE E 87 0.71 23.06 32.91
C ILE E 87 1.28 21.72 33.36
N ALA E 88 1.64 20.87 32.41
CA ALA E 88 2.28 19.59 32.76
C ALA E 88 3.65 19.79 33.39
N ARG E 89 4.32 20.91 33.11
CA ARG E 89 5.61 21.17 33.73
C ARG E 89 5.48 21.49 35.21
N PHE E 90 4.39 22.15 35.61
CA PHE E 90 4.18 22.53 37.00
C PHE E 90 3.19 21.64 37.73
N THR E 91 2.51 20.74 37.04
CA THR E 91 1.57 19.82 37.68
C THR E 91 2.02 18.37 37.58
N LEU E 92 2.25 17.87 36.37
CA LEU E 92 2.60 16.46 36.19
C LEU E 92 4.06 16.18 36.53
N ALA E 93 4.94 17.16 36.37
CA ALA E 93 6.37 16.97 36.59
C ALA E 93 6.77 17.06 38.05
N LYS E 94 5.83 17.02 39.00
CA LYS E 94 6.18 17.17 40.40
C LYS E 94 5.60 16.07 41.29
N LEU E 95 5.06 15.01 40.70
CA LEU E 95 4.63 13.88 41.50
C LEU E 95 5.84 13.04 41.91
N PRO E 96 5.71 12.21 42.98
CA PRO E 96 6.88 11.50 43.52
C PRO E 96 7.77 10.82 42.50
N ASN E 97 7.22 9.95 41.67
CA ASN E 97 8.02 9.18 40.70
C ASN E 97 7.52 9.50 39.30
N VAL E 98 8.00 10.62 38.76
CA VAL E 98 7.71 11.03 37.39
C VAL E 98 8.93 11.78 36.85
N ARG E 99 9.48 11.31 35.73
CA ARG E 99 10.63 11.99 35.14
C ARG E 99 10.17 13.27 34.45
N THR E 100 10.90 14.36 34.70
CA THR E 100 10.54 15.64 34.12
C THR E 100 10.68 15.63 32.60
N VAL E 101 11.59 14.82 32.08
CA VAL E 101 11.72 14.70 30.63
C VAL E 101 10.50 14.01 30.03
N ASP E 102 9.96 13.02 30.74
CA ASP E 102 8.75 12.35 30.28
C ASP E 102 7.51 13.21 30.49
N ALA E 103 7.48 14.01 31.56
CA ALA E 103 6.32 14.87 31.81
C ALA E 103 6.17 15.91 30.72
N LEU E 104 7.27 16.50 30.26
CA LEU E 104 7.20 17.46 29.16
C LEU E 104 6.80 16.78 27.86
N ALA E 105 7.24 15.54 27.64
CA ALA E 105 6.90 14.84 26.41
C ALA E 105 5.40 14.55 26.32
N THR E 106 4.80 14.08 27.41
CA THR E 106 3.36 13.82 27.41
C THR E 106 2.55 15.09 27.48
N GLY E 107 3.09 16.16 28.07
CA GLY E 107 2.41 17.43 28.02
C GLY E 107 2.34 18.00 26.62
N GLY E 108 3.39 17.77 25.82
CA GLY E 108 3.38 18.24 24.44
C GLY E 108 2.33 17.56 23.59
N LEU E 109 2.16 16.26 23.77
CA LEU E 109 1.14 15.53 23.00
C LEU E 109 -0.27 15.96 23.42
N PHE E 110 -0.48 16.20 24.71
CA PHE E 110 -1.79 16.65 25.15
C PHE E 110 -2.07 18.08 24.75
N GLY E 111 -1.03 18.90 24.64
CA GLY E 111 -1.21 20.25 24.12
C GLY E 111 -1.40 20.31 22.62
N ALA E 112 -0.99 19.27 21.90
CA ALA E 112 -1.13 19.23 20.45
C ALA E 112 -2.56 18.81 20.09
N VAL E 113 -2.82 18.60 18.82
CA VAL E 113 -4.23 18.39 18.40
C VAL E 113 -4.37 17.02 17.80
N SER E 114 -5.55 16.42 17.92
CA SER E 114 -5.80 15.06 17.37
C SER E 114 -6.71 15.15 16.14
N GLY E 115 -6.21 14.70 14.99
CA GLY E 115 -6.98 14.73 13.72
C GLY E 115 -8.27 13.95 13.84
N SER E 116 -8.23 12.79 14.50
CA SER E 116 -9.42 11.95 14.68
C SER E 116 -10.43 12.59 15.62
N THR E 117 -9.96 13.16 16.72
CA THR E 117 -10.88 13.80 17.66
C THR E 117 -11.47 15.07 17.08
N MET E 118 -10.66 15.86 16.36
CA MET E 118 -11.17 17.04 15.69
C MET E 118 -12.17 16.67 14.60
N ALA E 119 -11.89 15.61 13.84
CA ALA E 119 -12.82 15.17 12.80
C ALA E 119 -14.10 14.61 13.40
N ALA E 120 -14.04 14.06 14.61
CA ALA E 120 -15.24 13.58 15.27
C ALA E 120 -16.08 14.71 15.82
N ALA E 121 -15.45 15.84 16.16
CA ALA E 121 -16.21 16.99 16.65
C ALA E 121 -17.01 17.65 15.54
N LEU E 122 -16.40 17.81 14.36
CA LEU E 122 -17.12 18.38 13.23
C LEU E 122 -18.27 17.47 12.80
N THR E 123 -18.04 16.16 12.78
CA THR E 123 -19.09 15.22 12.42
C THR E 123 -20.23 15.25 13.42
N THR E 124 -19.92 15.26 14.72
CA THR E 124 -20.96 15.27 15.73
C THR E 124 -21.70 16.60 15.77
N LEU E 125 -21.01 17.71 15.48
CA LEU E 125 -21.67 19.01 15.50
C LEU E 125 -22.73 19.10 14.41
N GLU E 126 -22.41 18.67 13.19
CA GLU E 126 -23.39 18.74 12.10
C GLU E 126 -24.49 17.72 12.27
N GLU E 127 -24.20 16.57 12.90
CA GLU E 127 -25.26 15.63 13.23
C GLU E 127 -26.18 16.16 14.31
N SER E 128 -25.70 17.09 15.14
CA SER E 128 -26.54 17.78 16.10
C SER E 128 -27.09 19.09 15.57
N LYS E 129 -26.82 19.41 14.30
CA LYS E 129 -27.31 20.62 13.64
C LYS E 129 -26.87 21.88 14.39
N ILE E 130 -25.59 21.92 14.73
CA ILE E 130 -24.97 23.09 15.36
C ILE E 130 -24.01 23.70 14.36
N SER E 131 -24.24 24.97 14.01
CA SER E 131 -23.42 25.64 13.02
C SER E 131 -22.07 26.01 13.61
N TYR E 132 -21.00 25.77 12.87
CA TYR E 132 -19.66 26.12 13.27
C TYR E 132 -18.94 26.80 12.11
N GLU E 133 -17.91 27.58 12.45
CA GLU E 133 -17.15 28.29 11.43
C GLU E 133 -16.47 27.31 10.49
N ALA E 134 -16.52 27.61 9.19
CA ALA E 134 -15.94 26.73 8.19
C ALA E 134 -14.42 26.62 8.32
N TRP E 135 -13.78 27.62 8.91
CA TRP E 135 -12.32 27.60 9.10
C TRP E 135 -11.92 27.00 10.43
N ALA E 136 -12.86 26.39 11.17
CA ALA E 136 -12.51 25.73 12.42
C ALA E 136 -11.53 24.59 12.19
N GLY E 137 -11.53 24.00 10.99
CA GLY E 137 -10.56 22.98 10.65
C GLY E 137 -9.17 23.52 10.39
N ALA E 138 -9.02 24.84 10.28
CA ALA E 138 -7.72 25.47 10.10
C ALA E 138 -7.01 25.74 11.41
N LEU E 139 -7.64 25.43 12.54
CA LEU E 139 -7.01 25.61 13.84
C LEU E 139 -6.06 24.47 14.21
N TYR E 140 -6.00 23.42 13.39
CA TYR E 140 -5.09 22.31 13.66
C TYR E 140 -3.63 22.73 13.70
N PRO E 141 -3.09 23.44 12.71
CA PRO E 141 -1.65 23.77 12.77
C PRO E 141 -1.31 24.81 13.81
N PHE E 142 -2.25 25.67 14.19
CA PHE E 142 -1.94 26.77 15.11
C PHE E 142 -1.89 26.32 16.57
N MET E 143 -2.39 25.12 16.89
CA MET E 143 -2.21 24.54 18.22
C MET E 143 -1.24 23.37 18.23
N ASP E 144 -1.14 22.62 17.14
CA ASP E 144 -0.23 21.49 17.09
C ASP E 144 1.23 21.95 17.12
N ILE E 145 1.62 22.78 16.15
CA ILE E 145 3.03 23.18 16.05
C ILE E 145 3.52 23.92 17.28
N PRO E 146 2.82 24.93 17.81
CA PRO E 146 3.31 25.58 19.03
C PRO E 146 3.42 24.64 20.22
N ALA E 147 2.56 23.64 20.31
CA ALA E 147 2.62 22.71 21.44
C ALA E 147 3.82 21.78 21.32
N LEU E 148 4.07 21.23 20.13
CA LEU E 148 5.21 20.36 19.95
C LEU E 148 6.52 21.12 20.14
N VAL E 149 6.63 22.32 19.56
CA VAL E 149 7.85 23.10 19.67
C VAL E 149 8.12 23.47 21.12
N THR E 150 7.07 23.87 21.85
CA THR E 150 7.24 24.25 23.25
C THR E 150 7.74 23.06 24.08
N ALA E 151 7.22 21.87 23.81
CA ALA E 151 7.67 20.69 24.56
C ALA E 151 9.14 20.41 24.33
N ILE E 152 9.59 20.53 23.08
CA ILE E 152 11.00 20.25 22.76
C ILE E 152 11.90 21.33 23.34
N VAL E 153 11.48 22.59 23.25
CA VAL E 153 12.33 23.69 23.72
C VAL E 153 12.51 23.64 25.23
N VAL E 154 11.41 23.46 25.96
CA VAL E 154 11.48 23.46 27.42
C VAL E 154 12.24 22.23 27.93
N ALA E 155 11.98 21.06 27.33
CA ALA E 155 12.66 19.85 27.77
C ALA E 155 14.16 19.93 27.51
N ASN E 156 14.55 20.43 26.34
CA ASN E 156 15.97 20.55 26.03
C ASN E 156 16.66 21.55 26.96
N ILE E 157 15.98 22.65 27.27
CA ILE E 157 16.54 23.63 28.20
C ILE E 157 16.71 22.99 29.57
N TYR E 158 15.73 22.21 30.01
CA TYR E 158 15.84 21.50 31.29
C TYR E 158 17.00 20.50 31.25
N LEU E 159 17.18 19.81 30.13
CA LEU E 159 18.26 18.84 30.01
C LEU E 159 19.62 19.53 30.07
N ASN E 160 19.75 20.69 29.40
CA ASN E 160 21.03 21.40 29.40
C ASN E 160 21.40 21.85 30.81
N LYS E 161 20.43 22.35 31.57
CA LYS E 161 20.71 22.76 32.94
C LYS E 161 21.15 21.58 33.79
N ARG E 162 20.59 20.40 33.54
CA ARG E 162 20.98 19.18 34.23
C ARG E 162 22.31 18.63 33.74
N LYS E 163 23.02 19.37 32.89
CA LYS E 163 24.33 18.97 32.37
C LYS E 163 24.26 17.64 31.64
N VAL E 209 18.71 25.05 23.66
CA VAL E 209 18.93 26.50 23.58
C VAL E 209 18.49 27.02 22.22
N LYS E 210 19.02 26.42 21.15
CA LYS E 210 18.64 26.83 19.80
C LYS E 210 17.22 26.40 19.50
N ILE E 211 16.43 27.34 18.97
CA ILE E 211 15.02 27.08 18.70
C ILE E 211 14.79 26.73 17.23
N TRP E 212 15.43 27.48 16.31
CA TRP E 212 15.21 27.25 14.88
C TRP E 212 15.60 25.84 14.44
N PRO E 213 16.78 25.31 14.79
CA PRO E 213 17.07 23.90 14.41
C PRO E 213 16.06 22.93 15.00
N ILE E 214 15.55 23.21 16.19
CA ILE E 214 14.49 22.38 16.76
C ILE E 214 13.23 22.47 15.93
N ILE E 215 12.87 23.69 15.51
CA ILE E 215 11.65 23.89 14.74
C ILE E 215 11.78 23.25 13.35
N GLU E 216 12.90 23.49 12.67
CA GLU E 216 13.02 23.03 11.29
C GLU E 216 13.11 21.51 11.21
N GLU E 217 13.74 20.87 12.20
CA GLU E 217 13.79 19.41 12.20
C GLU E 217 12.44 18.81 12.58
N SER E 218 11.76 19.41 13.55
CA SER E 218 10.44 18.92 13.94
C SER E 218 9.42 19.10 12.82
N LEU E 219 9.45 20.25 12.15
CA LEU E 219 8.40 20.61 11.21
C LEU E 219 8.59 19.94 9.84
N GLN E 220 9.82 19.63 9.48
CA GLN E 220 10.13 19.05 8.18
C GLN E 220 9.99 17.54 8.15
N GLY E 221 9.72 16.91 9.28
CA GLY E 221 9.53 15.47 9.32
C GLY E 221 8.21 15.07 8.70
N PRO E 222 7.98 13.77 8.58
CA PRO E 222 6.70 13.31 8.02
C PRO E 222 5.55 13.63 8.95
N ALA E 223 4.36 13.69 8.37
CA ALA E 223 3.10 13.92 9.10
C ALA E 223 2.99 15.36 9.57
N LEU E 224 4.03 16.17 9.35
CA LEU E 224 3.98 17.59 9.61
C LEU E 224 4.26 18.42 8.37
N SER E 225 5.12 17.93 7.48
CA SER E 225 5.32 18.57 6.19
C SER E 225 4.15 18.29 5.25
N ALA E 226 3.50 17.14 5.42
CA ALA E 226 2.31 16.84 4.61
C ALA E 226 1.18 17.82 4.90
N MET E 227 1.00 18.19 6.17
CA MET E 227 -0.05 19.14 6.51
C MET E 227 0.27 20.53 5.98
N LEU E 228 1.54 20.95 6.04
CA LEU E 228 1.91 22.21 5.41
C LEU E 228 1.73 22.15 3.91
N LEU E 229 2.06 21.02 3.29
CA LEU E 229 1.82 20.86 1.86
C LEU E 229 0.33 21.01 1.55
N GLY E 230 -0.53 20.41 2.38
CA GLY E 230 -1.95 20.64 2.22
C GLY E 230 -2.34 22.08 2.47
N LEU E 231 -1.69 22.73 3.43
CA LEU E 231 -1.98 24.14 3.70
C LEU E 231 -1.56 25.02 2.53
N ALA E 232 -0.33 24.83 2.04
CA ALA E 232 0.20 25.68 0.98
C ALA E 232 -0.63 25.55 -0.29
N LEU E 233 -1.03 24.33 -0.64
CA LEU E 233 -1.84 24.13 -1.84
C LEU E 233 -3.21 24.76 -1.69
N GLY E 234 -3.81 24.65 -0.51
CA GLY E 234 -5.14 25.20 -0.30
C GLY E 234 -5.16 26.73 -0.38
N ILE E 235 -4.18 27.38 0.24
CA ILE E 235 -4.17 28.85 0.28
C ILE E 235 -3.97 29.42 -1.11
N PHE E 236 -3.02 28.87 -1.87
CA PHE E 236 -2.63 29.44 -3.15
C PHE E 236 -3.33 28.79 -4.34
N THR E 237 -3.23 27.47 -4.47
CA THR E 237 -3.79 26.77 -5.62
C THR E 237 -5.29 26.55 -5.41
N LYS E 238 -5.90 25.76 -6.30
CA LYS E 238 -7.32 25.46 -6.24
C LYS E 238 -7.49 23.95 -6.32
N PRO E 239 -7.29 23.24 -5.22
CA PRO E 239 -7.35 21.77 -5.25
C PRO E 239 -8.76 21.24 -5.05
N GLU E 240 -9.76 22.08 -5.24
CA GLU E 240 -11.14 21.66 -4.99
C GLU E 240 -11.53 20.45 -5.82
N SER E 241 -11.01 20.34 -7.04
CA SER E 241 -11.32 19.18 -7.88
C SER E 241 -10.76 17.90 -7.29
N VAL E 242 -9.55 17.96 -6.71
CA VAL E 242 -8.92 16.76 -6.16
C VAL E 242 -9.20 16.59 -4.67
N TYR E 243 -9.69 17.63 -3.98
CA TYR E 243 -9.97 17.51 -2.57
C TYR E 243 -11.31 16.85 -2.31
N GLU E 244 -12.34 17.29 -3.01
CA GLU E 244 -13.69 16.77 -2.82
C GLU E 244 -13.95 15.46 -3.55
N GLY E 245 -12.99 14.98 -4.32
CA GLY E 245 -13.17 13.73 -5.05
C GLY E 245 -12.32 12.59 -4.53
N PHE E 246 -11.19 12.90 -3.91
CA PHE E 246 -10.28 11.86 -3.45
C PHE E 246 -9.84 12.04 -2.01
N TYR E 247 -9.78 13.28 -1.53
CA TYR E 247 -9.27 13.55 -0.19
C TYR E 247 -10.38 13.70 0.85
N ASP E 248 -11.50 14.31 0.47
CA ASP E 248 -12.62 14.45 1.38
C ASP E 248 -13.45 13.17 1.51
N PRO E 249 -13.94 12.58 0.41
CA PRO E 249 -14.92 11.49 0.56
C PRO E 249 -14.42 10.29 1.34
N LEU E 250 -13.13 9.95 1.25
CA LEU E 250 -12.59 8.78 1.93
C LEU E 250 -11.61 9.16 3.03
N PHE E 251 -11.68 10.40 3.53
CA PHE E 251 -10.87 10.77 4.68
C PHE E 251 -11.30 10.02 5.93
N ARG E 252 -12.61 10.04 6.22
CA ARG E 252 -13.10 9.33 7.40
C ARG E 252 -13.07 7.81 7.20
N GLY E 253 -13.05 7.34 5.95
CA GLY E 253 -12.88 5.92 5.73
C GLY E 253 -11.48 5.44 6.10
N LEU E 254 -10.45 6.17 5.66
CA LEU E 254 -9.09 5.83 6.04
C LEU E 254 -8.85 6.05 7.52
N LEU E 255 -9.59 6.98 8.13
CA LEU E 255 -9.46 7.21 9.56
C LEU E 255 -9.86 5.98 10.35
N SER E 256 -10.92 5.28 9.91
CA SER E 256 -11.38 4.10 10.62
C SER E 256 -10.32 3.01 10.61
N ILE E 257 -9.61 2.84 9.49
CA ILE E 257 -8.52 1.87 9.44
C ILE E 257 -7.41 2.25 10.41
N LEU E 258 -7.08 3.55 10.49
CA LEU E 258 -5.99 3.98 11.36
C LEU E 258 -6.35 3.81 12.84
N MET E 259 -7.59 4.12 13.22
CA MET E 259 -8.01 3.88 14.60
C MET E 259 -7.95 2.40 14.95
N LEU E 260 -8.21 1.53 13.97
CA LEU E 260 -8.01 0.10 14.20
C LEU E 260 -6.55 -0.21 14.49
N ILE E 261 -5.64 0.44 13.75
CA ILE E 261 -4.21 0.26 14.01
C ILE E 261 -3.86 0.77 15.40
N MET E 262 -4.33 1.96 15.75
CA MET E 262 -4.07 2.50 17.08
C MET E 262 -4.75 1.66 18.16
N GLY E 263 -5.97 1.21 17.91
CA GLY E 263 -6.66 0.40 18.89
C GLY E 263 -5.98 -0.94 19.13
N MET E 264 -5.51 -1.57 18.05
CA MET E 264 -4.82 -2.86 18.19
C MET E 264 -3.53 -2.71 18.98
N GLU E 265 -2.74 -1.67 18.69
CA GLU E 265 -1.49 -1.46 19.41
C GLU E 265 -1.70 -0.84 20.79
N ALA E 266 -2.85 -0.21 21.04
CA ALA E 266 -3.11 0.38 22.35
C ALA E 266 -3.24 -0.68 23.43
N TRP E 267 -3.60 -1.92 23.05
CA TRP E 267 -3.63 -3.00 24.03
C TRP E 267 -2.23 -3.30 24.55
N SER E 268 -1.23 -3.27 23.67
CA SER E 268 0.15 -3.51 24.10
C SER E 268 0.65 -2.37 24.98
N ARG E 269 0.30 -1.12 24.65
CA ARG E 269 0.71 0.01 25.46
C ARG E 269 0.12 -0.08 26.87
N ILE E 270 -1.15 -0.47 26.98
CA ILE E 270 -1.74 -0.74 28.28
C ILE E 270 -1.08 -1.96 28.88
N GLY E 271 -0.69 -1.85 30.15
CA GLY E 271 0.13 -2.86 30.81
C GLY E 271 1.60 -2.49 30.74
N GLU E 272 2.03 -2.02 29.56
CA GLU E 272 3.35 -1.40 29.47
C GLU E 272 3.35 0.00 30.07
N LEU E 273 2.18 0.64 30.11
CA LEU E 273 2.01 1.93 30.78
C LEU E 273 1.91 1.78 32.29
N ARG E 274 1.69 0.58 32.80
CA ARG E 274 1.65 0.33 34.24
C ARG E 274 3.05 0.10 34.82
N LYS E 275 4.08 0.12 33.98
CA LYS E 275 5.44 -0.12 34.41
C LYS E 275 6.25 1.16 34.59
N VAL E 276 5.62 2.32 34.48
CA VAL E 276 6.31 3.61 34.61
C VAL E 276 5.87 4.35 35.86
N ALA E 277 4.57 4.64 36.00
CA ALA E 277 4.05 5.36 37.14
C ALA E 277 2.53 5.27 37.11
N GLN E 278 1.92 5.57 38.25
CA GLN E 278 0.47 5.61 38.36
C GLN E 278 -0.10 7.00 38.09
N TRP E 279 0.74 8.01 37.92
CA TRP E 279 0.27 9.37 37.69
C TRP E 279 0.07 9.69 36.22
N TYR E 280 0.49 8.82 35.31
CA TYR E 280 0.20 9.01 33.89
C TYR E 280 -1.20 8.54 33.52
N VAL E 281 -1.86 7.79 34.39
CA VAL E 281 -3.25 7.40 34.16
C VAL E 281 -4.20 8.44 34.74
N VAL E 282 -3.89 8.97 35.92
CA VAL E 282 -4.71 10.03 36.50
C VAL E 282 -4.65 11.28 35.63
N TYR E 283 -3.47 11.62 35.12
CA TYR E 283 -3.34 12.81 34.27
C TYR E 283 -4.10 12.63 32.96
N SER E 284 -3.89 11.51 32.28
CA SER E 284 -4.54 11.29 30.99
C SER E 284 -6.05 11.17 31.10
N LEU E 285 -6.57 10.93 32.30
CA LEU E 285 -8.01 10.84 32.52
C LEU E 285 -8.63 12.21 32.83
N ILE E 286 -7.87 13.10 33.45
CA ILE E 286 -8.40 14.37 33.91
C ILE E 286 -7.91 15.55 33.08
N ALA E 287 -6.71 15.47 32.50
CA ALA E 287 -6.22 16.58 31.70
C ALA E 287 -7.11 16.94 30.53
N PRO E 288 -7.65 16.00 29.74
CA PRO E 288 -8.57 16.42 28.67
C PRO E 288 -9.77 17.20 29.16
N ILE E 289 -10.29 16.86 30.34
CA ILE E 289 -11.41 17.63 30.90
C ILE E 289 -10.94 19.01 31.33
N VAL E 290 -9.77 19.08 31.97
CA VAL E 290 -9.27 20.37 32.45
C VAL E 290 -8.85 21.25 31.27
N HIS E 291 -8.18 20.67 30.27
CA HIS E 291 -7.75 21.45 29.12
C HIS E 291 -8.94 21.96 28.33
N GLY E 292 -9.99 21.14 28.19
CA GLY E 292 -11.16 21.59 27.47
C GLY E 292 -11.90 22.71 28.17
N PHE E 293 -11.99 22.66 29.50
CA PHE E 293 -12.71 23.70 30.23
C PHE E 293 -11.97 25.04 30.17
N ILE E 294 -10.64 25.01 30.13
CA ILE E 294 -9.90 26.25 29.90
C ILE E 294 -10.13 26.74 28.47
N ALA E 295 -10.17 25.81 27.51
CA ALA E 295 -10.46 26.18 26.13
C ALA E 295 -11.86 26.76 25.99
N PHE E 296 -12.84 26.17 26.67
CA PHE E 296 -14.20 26.68 26.59
C PHE E 296 -14.28 28.10 27.16
N GLY E 297 -13.60 28.36 28.26
CA GLY E 297 -13.59 29.71 28.82
C GLY E 297 -12.95 30.72 27.89
N LEU E 298 -11.86 30.33 27.24
CA LEU E 298 -11.23 31.22 26.26
C LEU E 298 -12.09 31.37 25.01
N GLY E 299 -12.82 30.32 24.63
CA GLY E 299 -13.70 30.42 23.49
C GLY E 299 -14.82 31.42 23.68
N MET E 300 -15.32 31.53 24.93
CA MET E 300 -16.35 32.51 25.22
C MET E 300 -15.83 33.94 25.09
N ILE E 301 -14.57 34.18 25.44
CA ILE E 301 -13.99 35.51 25.29
C ILE E 301 -14.01 35.92 23.82
N ALA E 302 -13.64 35.00 22.93
CA ALA E 302 -13.74 35.27 21.50
C ALA E 302 -15.19 35.28 21.03
N HIS E 303 -16.09 34.58 21.75
CA HIS E 303 -17.49 34.54 21.35
C HIS E 303 -18.18 35.88 21.57
N TYR E 304 -17.74 36.64 22.56
CA TYR E 304 -18.31 37.96 22.84
C TYR E 304 -17.52 39.10 22.22
N ALA E 305 -16.19 38.98 22.16
CA ALA E 305 -15.38 40.01 21.51
C ALA E 305 -15.65 40.06 20.01
N THR E 306 -15.72 38.91 19.37
CA THR E 306 -16.00 38.81 17.95
C THR E 306 -17.27 37.98 17.74
N GLY E 307 -17.56 37.65 16.48
CA GLY E 307 -18.73 36.87 16.16
C GLY E 307 -18.48 35.38 16.13
N PHE E 308 -17.61 34.89 17.01
CA PHE E 308 -17.32 33.47 17.07
C PHE E 308 -18.54 32.71 17.56
N SER E 309 -19.03 31.78 16.75
CA SER E 309 -20.27 31.08 17.06
C SER E 309 -20.11 30.17 18.27
N LEU E 310 -21.21 30.01 19.01
CA LEU E 310 -21.19 29.13 20.18
C LEU E 310 -20.93 27.68 19.79
N GLY E 311 -21.24 27.30 18.55
CA GLY E 311 -20.85 25.99 18.07
C GLY E 311 -19.42 25.92 17.58
N GLY E 312 -18.73 27.05 17.51
CA GLY E 312 -17.34 27.08 17.10
C GLY E 312 -16.39 26.95 18.27
N VAL E 313 -16.85 27.34 19.46
CA VAL E 313 -16.03 27.14 20.66
C VAL E 313 -15.97 25.67 21.05
N VAL E 314 -16.93 24.87 20.58
CA VAL E 314 -16.86 23.43 20.80
C VAL E 314 -15.66 22.84 20.09
N VAL E 315 -15.42 23.26 18.84
CA VAL E 315 -14.22 22.81 18.14
C VAL E 315 -12.97 23.26 18.88
N LEU E 316 -12.94 24.52 19.33
CA LEU E 316 -11.80 25.01 20.09
C LEU E 316 -11.63 24.25 21.40
N ALA E 317 -12.74 23.87 22.03
CA ALA E 317 -12.65 23.11 23.27
C ALA E 317 -12.20 21.67 23.01
N VAL E 318 -12.77 21.02 21.99
CA VAL E 318 -12.40 19.66 21.67
C VAL E 318 -10.98 19.59 21.10
N ILE E 319 -10.59 20.60 20.31
CA ILE E 319 -9.25 20.62 19.74
C ILE E 319 -8.18 20.73 20.82
N ALA E 320 -8.52 21.29 21.99
CA ALA E 320 -7.58 21.39 23.08
C ALA E 320 -7.60 20.16 23.98
N ALA E 321 -8.78 19.57 24.20
CA ALA E 321 -8.86 18.36 24.99
C ALA E 321 -8.20 17.18 24.29
N SER E 322 -8.18 17.18 22.97
CA SER E 322 -7.60 16.08 22.22
C SER E 322 -6.09 16.01 22.43
N SER E 323 -5.57 14.78 22.48
CA SER E 323 -4.15 14.53 22.60
C SER E 323 -3.66 13.92 21.30
N SER E 324 -2.60 14.50 20.74
CA SER E 324 -2.13 14.08 19.42
C SER E 324 -1.65 12.63 19.44
N ASP E 325 -2.02 11.88 18.42
CA ASP E 325 -1.56 10.52 18.26
C ASP E 325 -1.09 10.20 16.85
N ILE E 326 -1.10 11.15 15.92
CA ILE E 326 -0.59 10.87 14.55
C ILE E 326 0.72 11.59 14.31
N SER E 327 0.78 12.90 14.45
CA SER E 327 2.02 13.63 14.20
C SER E 327 2.74 14.04 15.48
N GLY E 328 2.25 13.61 16.64
CA GLY E 328 2.86 13.95 17.90
C GLY E 328 4.00 13.02 18.29
N PRO E 329 3.72 11.72 18.40
CA PRO E 329 4.75 10.77 18.82
C PRO E 329 5.97 10.80 17.93
N PRO E 330 5.84 10.77 16.60
CA PRO E 330 7.07 10.84 15.77
C PRO E 330 7.85 12.12 15.95
N THR E 331 7.17 13.25 16.19
CA THR E 331 7.88 14.51 16.38
C THR E 331 8.61 14.56 17.72
N LEU E 332 7.95 14.12 18.79
CA LEU E 332 8.58 14.14 20.10
C LEU E 332 9.69 13.11 20.21
N ARG E 333 9.58 11.99 19.49
CA ARG E 333 10.63 10.97 19.52
C ARG E 333 11.93 11.51 18.94
N ALA E 334 11.83 12.27 17.84
CA ALA E 334 13.02 12.85 17.22
C ALA E 334 13.45 14.16 17.86
N GLY E 335 12.62 14.74 18.72
CA GLY E 335 12.96 15.99 19.38
C GLY E 335 13.44 15.80 20.80
N ILE E 336 12.87 14.82 21.49
CA ILE E 336 13.28 14.48 22.85
C ILE E 336 13.62 12.99 22.89
N PRO E 337 14.80 12.58 22.41
CA PRO E 337 15.15 11.16 22.41
C PRO E 337 15.20 10.54 23.79
N SER E 338 15.59 11.32 24.81
CA SER E 338 15.72 10.79 26.16
C SER E 338 14.39 10.44 26.80
N ALA E 339 13.27 10.88 26.23
CA ALA E 339 11.97 10.60 26.80
C ALA E 339 11.57 9.15 26.54
N ASN E 340 10.95 8.54 27.54
CA ASN E 340 10.46 7.17 27.41
C ASN E 340 9.30 7.15 26.43
N PRO E 341 9.40 6.48 25.28
CA PRO E 341 8.29 6.50 24.34
C PRO E 341 7.24 5.45 24.66
N SER E 342 6.92 5.33 25.94
CA SER E 342 5.78 4.57 26.42
C SER E 342 4.96 5.34 27.44
N ALA E 343 5.53 6.34 28.10
CA ALA E 343 4.80 7.17 29.04
C ALA E 343 4.14 8.38 28.39
N TYR E 344 4.50 8.70 27.14
CA TYR E 344 3.84 9.78 26.43
C TYR E 344 3.11 9.34 25.17
N ILE E 345 3.45 8.18 24.61
CA ILE E 345 2.65 7.63 23.52
C ILE E 345 1.50 6.78 24.05
N GLY E 346 1.76 5.97 25.08
CA GLY E 346 0.70 5.17 25.68
C GLY E 346 -0.26 5.95 26.54
N SER E 347 0.15 7.13 27.02
CA SER E 347 -0.71 7.97 27.84
C SER E 347 -1.53 8.95 27.02
N SER E 348 -1.30 9.04 25.72
CA SER E 348 -2.06 9.92 24.84
C SER E 348 -2.82 9.19 23.75
N THR E 349 -2.44 7.96 23.42
CA THR E 349 -3.13 7.14 22.44
C THR E 349 -4.07 6.14 23.08
N ALA E 350 -3.61 5.43 24.11
CA ALA E 350 -4.44 4.42 24.75
C ALA E 350 -5.52 5.03 25.63
N ILE E 351 -5.19 6.09 26.39
CA ILE E 351 -6.13 6.68 27.32
C ILE E 351 -6.45 8.11 26.92
N GLY E 352 -5.50 8.78 26.28
CA GLY E 352 -5.69 10.18 25.96
C GLY E 352 -6.78 10.42 24.93
N THR E 353 -6.81 9.61 23.88
CA THR E 353 -7.76 9.79 22.78
C THR E 353 -9.16 9.29 23.12
N PRO E 354 -9.33 8.08 23.67
CA PRO E 354 -10.69 7.63 23.98
C PRO E 354 -11.44 8.55 24.94
N ILE E 355 -10.74 9.13 25.92
CA ILE E 355 -11.40 10.05 26.84
C ILE E 355 -11.76 11.35 26.13
N ALA E 356 -10.85 11.88 25.32
CA ALA E 356 -11.09 13.13 24.61
C ALA E 356 -12.11 12.97 23.49
N ILE E 357 -12.45 11.75 23.12
CA ILE E 357 -13.40 11.50 22.02
C ILE E 357 -14.69 10.87 22.50
N GLY E 358 -14.76 10.37 23.73
CA GLY E 358 -15.97 9.75 24.23
C GLY E 358 -16.57 10.49 25.41
N VAL E 359 -15.73 11.12 26.22
CA VAL E 359 -16.20 11.86 27.39
C VAL E 359 -16.12 13.37 27.20
N CYS E 360 -15.28 13.86 26.29
CA CYS E 360 -15.15 15.31 26.08
C CYS E 360 -16.13 15.83 25.05
N ILE E 361 -16.26 15.16 23.91
CA ILE E 361 -17.16 15.64 22.86
C ILE E 361 -18.62 15.68 23.32
N PRO E 362 -19.18 14.63 23.92
CA PRO E 362 -20.55 14.77 24.46
C PRO E 362 -20.68 15.80 25.55
N LEU E 363 -19.63 16.01 26.35
CA LEU E 363 -19.70 16.97 27.44
C LEU E 363 -19.74 18.40 26.93
N PHE E 364 -18.86 18.74 25.99
CA PHE E 364 -18.79 20.12 25.50
C PHE E 364 -19.94 20.44 24.57
N ILE E 365 -20.33 19.50 23.71
CA ILE E 365 -21.51 19.71 22.88
C ILE E 365 -22.75 19.85 23.74
N GLY E 366 -22.87 19.00 24.77
CA GLY E 366 -23.96 19.16 25.72
C GLY E 366 -23.89 20.47 26.48
N LEU E 367 -22.67 20.93 26.78
CA LEU E 367 -22.51 22.22 27.46
C LEU E 367 -22.90 23.38 26.55
N ALA E 368 -22.60 23.26 25.25
CA ALA E 368 -22.99 24.30 24.31
C ALA E 368 -24.51 24.35 24.13
N GLN E 369 -25.15 23.18 24.08
CA GLN E 369 -26.60 23.14 23.88
C GLN E 369 -27.34 23.79 25.03
N THR E 370 -26.92 23.54 26.27
CA THR E 370 -27.57 24.12 27.42
C THR E 370 -27.19 25.59 27.63
N LEU E 371 -26.22 26.10 26.88
CA LEU E 371 -25.76 27.47 27.03
C LEU E 371 -26.20 28.37 25.89
N GLY E 372 -26.74 27.81 24.81
CA GLY E 372 -27.18 28.62 23.69
C GLY E 372 -27.57 27.81 22.47
N ALA E 373 -27.04 28.20 21.31
CA ALA E 373 -27.40 27.54 20.06
C ALA E 373 -26.96 26.08 20.06
N GLY E 374 -27.82 25.22 19.54
CA GLY E 374 -27.53 23.80 19.47
C GLY E 374 -28.75 22.95 19.14
N ALA F 2 37.78 -10.96 -4.49
CA ALA F 2 39.03 -11.40 -3.86
C ALA F 2 39.70 -10.26 -3.11
N LYS F 3 38.88 -9.36 -2.57
CA LYS F 3 39.37 -8.24 -1.76
C LYS F 3 38.72 -8.33 -0.38
N PRO F 4 39.49 -8.47 0.69
CA PRO F 4 38.89 -8.58 2.02
C PRO F 4 38.11 -7.33 2.38
N ALA F 5 37.03 -7.51 3.12
CA ALA F 5 36.18 -6.41 3.55
C ALA F 5 35.48 -6.79 4.84
N ASN F 6 34.99 -5.78 5.54
CA ASN F 6 34.24 -5.97 6.79
C ASN F 6 32.81 -5.49 6.58
N LYS F 7 31.85 -6.36 6.87
CA LYS F 7 30.44 -6.06 6.68
C LYS F 7 29.89 -5.55 8.01
N LEU F 8 29.79 -4.22 8.14
CA LEU F 8 29.25 -3.60 9.33
C LEU F 8 27.73 -3.50 9.19
N VAL F 9 27.01 -4.08 10.15
CA VAL F 9 25.55 -4.09 10.14
C VAL F 9 25.04 -3.24 11.28
N ILE F 10 24.17 -2.30 11.00
CA ILE F 10 23.59 -1.40 11.99
C ILE F 10 22.08 -1.59 11.97
N VAL F 11 21.52 -2.09 13.07
CA VAL F 11 20.08 -2.27 13.21
C VAL F 11 19.59 -1.30 14.27
N THR F 12 18.74 -0.36 13.88
CA THR F 12 18.27 0.70 14.76
C THR F 12 16.79 0.93 14.51
N GLU F 13 16.27 2.04 15.04
CA GLU F 13 14.90 2.43 14.80
C GLU F 13 14.79 3.21 13.49
N LYS F 14 13.57 3.25 12.95
CA LYS F 14 13.37 3.85 11.64
C LYS F 14 13.52 5.37 11.68
N ILE F 15 13.41 5.98 12.86
CA ILE F 15 13.54 7.43 12.97
C ILE F 15 14.96 7.88 12.66
N LEU F 16 15.95 6.99 12.76
CA LEU F 16 17.34 7.33 12.54
C LEU F 16 17.79 7.03 11.11
N LEU F 17 16.85 6.85 10.18
CA LEU F 17 17.22 6.54 8.80
C LEU F 17 18.01 7.68 8.17
N LYS F 18 17.58 8.91 8.37
CA LYS F 18 18.23 10.06 7.77
C LYS F 18 19.36 10.63 8.61
N LYS F 19 19.55 10.14 9.83
CA LYS F 19 20.61 10.62 10.71
C LYS F 19 21.83 9.71 10.70
N ILE F 20 21.63 8.39 10.72
CA ILE F 20 22.75 7.46 10.65
C ILE F 20 23.41 7.52 9.28
N ALA F 21 22.61 7.67 8.22
CA ALA F 21 23.17 7.77 6.87
C ALA F 21 24.10 8.96 6.74
N LYS F 22 23.83 10.04 7.45
CA LYS F 22 24.75 11.18 7.45
C LYS F 22 26.08 10.81 8.07
N ILE F 23 26.06 10.02 9.15
CA ILE F 23 27.31 9.58 9.78
C ILE F 23 28.08 8.65 8.85
N ILE F 24 27.37 7.78 8.14
CA ILE F 24 28.03 6.84 7.24
C ILE F 24 28.70 7.57 6.08
N ASP F 25 28.00 8.53 5.48
CA ASP F 25 28.56 9.25 4.34
C ASP F 25 29.74 10.12 4.75
N GLU F 26 29.65 10.77 5.91
CA GLU F 26 30.74 11.61 6.38
C GLU F 26 31.98 10.82 6.74
N SER F 27 31.85 9.51 6.94
CA SER F 27 32.97 8.65 7.30
C SER F 27 33.73 8.12 6.08
N GLY F 28 33.30 8.47 4.87
CA GLY F 28 33.98 8.01 3.68
C GLY F 28 33.57 6.65 3.19
N ALA F 29 32.45 6.11 3.69
CA ALA F 29 31.98 4.81 3.23
C ALA F 29 31.49 4.92 1.79
N LYS F 30 31.97 4.02 0.94
CA LYS F 30 31.63 4.04 -0.49
C LYS F 30 30.36 3.22 -0.72
N GLY F 31 29.26 3.76 -0.20
CA GLY F 31 27.96 3.13 -0.41
C GLY F 31 27.51 2.24 0.73
N TYR F 32 26.25 2.35 1.12
CA TYR F 32 25.66 1.53 2.16
C TYR F 32 24.41 0.84 1.61
N THR F 33 23.69 0.14 2.49
CA THR F 33 22.51 -0.62 2.08
C THR F 33 21.56 -0.65 3.28
N VAL F 34 20.45 0.08 3.18
CA VAL F 34 19.47 0.15 4.24
C VAL F 34 18.20 -0.56 3.78
N MET F 35 17.53 -1.21 4.74
CA MET F 35 16.33 -1.97 4.42
C MET F 35 15.45 -2.05 5.66
N ASN F 36 14.18 -2.35 5.44
CA ASN F 36 13.21 -2.44 6.53
C ASN F 36 13.47 -3.70 7.38
N THR F 37 12.99 -3.65 8.61
CA THR F 37 13.23 -4.72 9.56
C THR F 37 12.14 -4.69 10.63
N GLY F 38 11.66 -5.87 11.01
CA GLY F 38 10.66 -5.98 12.05
C GLY F 38 11.24 -6.15 13.43
N GLY F 39 10.70 -7.10 14.19
CA GLY F 39 11.09 -7.31 15.56
C GLY F 39 10.17 -6.61 16.54
N LYS F 40 9.98 -7.22 17.70
CA LYS F 40 9.07 -6.69 18.71
C LYS F 40 9.81 -5.81 19.72
N ALA F 58 9.20 -1.28 11.37
CA ALA F 58 9.49 -0.90 12.74
C ALA F 58 10.94 -0.48 12.90
N ASN F 59 11.86 -1.35 12.48
CA ASN F 59 13.29 -1.11 12.56
C ASN F 59 13.87 -0.98 11.17
N ILE F 60 15.17 -0.67 11.11
CA ILE F 60 15.92 -0.61 9.87
C ILE F 60 17.21 -1.39 10.05
N LYS F 61 17.80 -1.79 8.93
CA LYS F 61 19.04 -2.57 8.92
C LYS F 61 20.00 -1.96 7.92
N PHE F 62 21.15 -1.51 8.40
CA PHE F 62 22.20 -0.97 7.54
C PHE F 62 23.23 -2.04 7.26
N GLU F 63 23.88 -1.93 6.10
CA GLU F 63 24.95 -2.85 5.71
C GLU F 63 26.04 -2.03 5.03
N ILE F 64 27.09 -1.72 5.78
CA ILE F 64 28.21 -0.92 5.29
C ILE F 64 29.41 -1.82 5.11
N LEU F 65 29.98 -1.82 3.91
CA LEU F 65 31.17 -2.61 3.61
C LEU F 65 32.38 -1.69 3.64
N THR F 66 33.30 -1.96 4.58
CA THR F 66 34.49 -1.14 4.77
C THR F 66 35.73 -1.97 4.50
N GLU F 67 36.73 -1.35 3.87
CA GLU F 67 37.94 -2.08 3.51
C GLU F 67 38.70 -2.53 4.75
N THR F 68 38.76 -1.69 5.78
CA THR F 68 39.53 -1.99 6.98
C THR F 68 38.62 -1.93 8.21
N ARG F 69 39.01 -2.69 9.24
CA ARG F 69 38.22 -2.75 10.46
C ARG F 69 38.19 -1.40 11.18
N GLU F 70 39.32 -0.69 11.19
CA GLU F 70 39.37 0.60 11.87
C GLU F 70 38.36 1.58 11.30
N MET F 71 38.08 1.48 9.99
CA MET F 71 37.05 2.33 9.40
C MET F 71 35.65 1.88 9.77
N ALA F 72 35.44 0.57 9.92
CA ALA F 72 34.14 0.07 10.34
C ALA F 72 33.85 0.45 11.79
N GLU F 73 34.87 0.36 12.66
CA GLU F 73 34.68 0.75 14.05
C GLU F 73 34.55 2.26 14.20
N GLU F 74 35.09 3.03 13.25
CA GLU F 74 34.91 4.47 13.28
C GLU F 74 33.45 4.84 13.12
N ILE F 75 32.75 4.18 12.19
CA ILE F 75 31.31 4.39 12.05
C ILE F 75 30.57 3.83 13.25
N ALA F 76 31.03 2.70 13.78
CA ALA F 76 30.36 2.07 14.92
C ALA F 76 30.40 2.98 16.15
N ASP F 77 31.56 3.57 16.44
CA ASP F 77 31.68 4.41 17.62
C ASP F 77 30.85 5.68 17.48
N ARG F 78 30.86 6.29 16.30
CA ARG F 78 30.14 7.55 16.09
C ARG F 78 28.63 7.40 16.13
N VAL F 79 28.11 6.18 16.07
CA VAL F 79 26.68 5.94 16.14
C VAL F 79 26.25 5.51 17.55
N ALA F 80 27.01 4.62 18.17
CA ALA F 80 26.64 4.13 19.49
C ALA F 80 26.69 5.23 20.55
N VAL F 81 27.71 6.08 20.51
CA VAL F 81 27.84 7.14 21.51
C VAL F 81 26.90 8.31 21.24
N LYS F 82 26.20 8.31 20.12
CA LYS F 82 25.31 9.41 19.75
C LYS F 82 23.84 9.06 19.86
N TYR F 83 23.44 7.82 19.56
CA TYR F 83 22.03 7.46 19.57
C TYR F 83 21.70 6.23 20.41
N PHE F 84 22.66 5.35 20.70
CA PHE F 84 22.33 4.12 21.40
C PHE F 84 22.00 4.33 22.87
N ASN F 85 22.40 5.47 23.44
CA ASN F 85 22.03 5.76 24.82
C ASN F 85 20.54 6.00 24.96
N ASP F 86 19.91 6.66 23.98
CA ASP F 86 18.49 6.95 23.99
C ASP F 86 17.67 5.94 23.21
N TYR F 87 18.16 5.50 22.05
CA TYR F 87 17.47 4.54 21.20
C TYR F 87 18.02 3.14 21.42
N ALA F 88 17.37 2.17 20.81
CA ALA F 88 17.73 0.76 20.95
C ALA F 88 18.30 0.25 19.63
N GLY F 89 19.41 -0.47 19.71
CA GLY F 89 20.02 -1.02 18.51
C GLY F 89 21.20 -1.89 18.84
N ILE F 90 21.62 -2.64 17.82
CA ILE F 90 22.78 -3.53 17.92
C ILE F 90 23.55 -3.44 16.60
N ILE F 91 24.88 -3.42 16.69
CA ILE F 91 25.74 -3.37 15.52
C ILE F 91 26.80 -4.46 15.64
N TYR F 92 27.04 -5.16 14.54
CA TYR F 92 28.01 -6.25 14.52
C TYR F 92 28.76 -6.25 13.20
N ILE F 93 29.93 -6.88 13.21
CA ILE F 93 30.81 -6.94 12.05
C ILE F 93 30.93 -8.39 11.60
N CYS F 94 30.74 -8.62 10.30
CA CYS F 94 30.96 -9.91 9.68
C CYS F 94 32.03 -9.78 8.60
N SER F 95 32.89 -10.79 8.48
CA SER F 95 33.96 -10.78 7.50
C SER F 95 33.44 -11.30 6.17
N ALA F 96 33.40 -10.43 5.17
CA ALA F 96 32.90 -10.76 3.85
C ALA F 96 33.94 -10.42 2.80
N GLU F 97 33.99 -11.24 1.74
CA GLU F 97 34.95 -11.08 0.65
C GLU F 97 34.25 -10.51 -0.56
N VAL F 98 34.63 -9.29 -0.96
CA VAL F 98 33.99 -8.62 -2.08
C VAL F 98 34.54 -9.17 -3.39
N LEU F 99 33.63 -9.57 -4.28
CA LEU F 99 34.01 -10.18 -5.55
C LEU F 99 34.09 -9.14 -6.68
N TYR F 100 32.99 -8.46 -6.96
CA TYR F 100 32.96 -7.38 -7.94
C TYR F 100 32.20 -6.18 -7.38
N GLY F 101 32.72 -4.99 -7.67
CA GLY F 101 32.07 -3.74 -7.31
C GLY F 101 32.85 -2.56 -7.85
N HIS F 102 32.16 -1.64 -8.52
CA HIS F 102 32.86 -0.53 -9.16
C HIS F 102 33.19 0.56 -8.14
N THR F 103 32.22 0.92 -7.29
CA THR F 103 32.48 1.93 -6.27
C THR F 103 33.44 1.42 -5.20
N PHE F 104 33.42 0.11 -4.93
CA PHE F 104 34.26 -0.44 -3.88
C PHE F 104 35.68 -0.70 -4.36
N CYS F 105 35.83 -1.54 -5.38
CA CYS F 105 37.15 -1.99 -5.83
C CYS F 105 37.78 -1.05 -6.83
N GLY F 106 37.80 0.25 -6.52
CA GLY F 106 38.43 1.25 -7.34
C GLY F 106 38.02 1.19 -8.80
N PRO F 107 38.90 1.65 -9.69
CA PRO F 107 38.61 1.56 -11.13
C PRO F 107 38.99 0.21 -11.70
N GLU F 108 39.95 -0.47 -11.06
CA GLU F 108 40.40 -1.77 -11.54
C GLU F 108 40.88 -2.57 -10.34
N GLY F 109 40.14 -3.60 -9.95
CA GLY F 109 40.51 -4.39 -8.80
C GLY F 109 39.53 -5.51 -8.58
N CYS F 110 39.66 -6.15 -7.42
CA CYS F 110 38.80 -7.27 -7.03
C CYS F 110 38.84 -8.40 -8.05
#